data_3WSV
#
_entry.id   3WSV
#
_cell.length_a   104.430
_cell.length_b   127.820
_cell.length_c   133.800
_cell.angle_alpha   90.00
_cell.angle_beta   90.00
_cell.angle_gamma   90.00
#
_symmetry.space_group_name_H-M   'P 21 21 21'
#
loop_
_entity.id
_entity.type
_entity.pdbx_description
1 polymer 'L-lactate dehydrogenase'
2 non-polymer GLYCEROL
3 water water
#
_entity_poly.entity_id   1
_entity_poly.type   'polypeptide(L)'
_entity_poly.pdbx_seq_one_letter_code
;MKKTSRKVVIVGTGFVGTSIAYAMINQGVANELVLIDVNQEKAEGEALDLLDGMAWGEKNVSVWSGTYEECQDANLVILT
AGVNQKPGQTRLDLVKTNATITRQIVKEVMASGFDGIFVVASNPVDILTYLTWQESGLPASRVVGTGTTLDTTRFRKEIA
LKLAVDPRSVHGYILGEHGDSEVAAWSHTTVGGKPIMEYVEKDHRLEENDLTVLADKVKNAAYEIIDRKKATYYGIGMST
TRIVKAILNNEQAVLPVSAYLNGEYGEEDIFTGVPSIVDENGVREIIDLSITPQEKAMFHQSVSELKAVLDTVRLEHHHH
HH
;
_entity_poly.pdbx_strand_id   A,B,C,D
#
loop_
_chem_comp.id
_chem_comp.type
_chem_comp.name
_chem_comp.formula
GOL non-polymer GLYCEROL 'C3 H8 O3'
#
# COMPACT_ATOMS: atom_id res chain seq x y z
N MET A 1 -23.19 -13.69 16.38
CA MET A 1 -22.55 -13.19 15.14
C MET A 1 -21.25 -13.93 14.84
N LYS A 2 -21.04 -14.25 13.57
CA LYS A 2 -19.82 -14.96 13.16
C LYS A 2 -18.66 -13.95 13.19
N LYS A 3 -17.76 -14.10 14.16
CA LYS A 3 -16.63 -13.17 14.30
C LYS A 3 -15.41 -13.40 13.43
N THR A 4 -14.78 -12.29 13.05
CA THR A 4 -13.62 -12.28 12.16
C THR A 4 -12.34 -11.65 12.71
N SER A 5 -11.97 -11.98 13.95
CA SER A 5 -10.75 -11.38 14.48
C SER A 5 -9.58 -12.34 14.71
N ARG A 6 -8.38 -11.82 14.49
CA ARG A 6 -7.15 -12.56 14.67
C ARG A 6 -6.50 -12.03 15.94
N LYS A 7 -6.34 -12.89 16.93
CA LYS A 7 -5.76 -12.49 18.21
C LYS A 7 -4.31 -12.97 18.36
N VAL A 8 -3.42 -12.02 18.61
CA VAL A 8 -2.00 -12.30 18.78
C VAL A 8 -1.51 -11.83 20.15
N VAL A 9 -0.80 -12.70 20.85
CA VAL A 9 -0.26 -12.34 22.14
C VAL A 9 1.26 -12.27 22.06
N ILE A 10 1.83 -11.15 22.51
CA ILE A 10 3.26 -10.97 22.53
C ILE A 10 3.74 -11.07 23.98
N VAL A 11 4.45 -12.14 24.33
CA VAL A 11 4.96 -12.29 25.68
C VAL A 11 6.34 -11.64 25.71
N GLY A 12 6.55 -10.74 26.66
CA GLY A 12 7.81 -10.05 26.75
C GLY A 12 7.61 -8.68 26.15
N THR A 13 7.78 -7.64 26.95
CA THR A 13 7.57 -6.28 26.46
C THR A 13 8.83 -5.43 26.46
N GLY A 14 9.98 -6.06 26.25
CA GLY A 14 11.22 -5.32 26.20
C GLY A 14 11.47 -4.77 24.81
N PHE A 15 12.72 -4.44 24.50
CA PHE A 15 13.08 -3.91 23.19
C PHE A 15 12.55 -4.72 22.00
N VAL A 16 12.71 -6.04 22.05
CA VAL A 16 12.26 -6.90 20.96
C VAL A 16 10.74 -6.97 20.86
N GLY A 17 10.08 -7.27 21.98
CA GLY A 17 8.65 -7.36 22.00
C GLY A 17 8.02 -6.04 21.62
N THR A 18 8.65 -4.96 22.08
CA THR A 18 8.18 -3.61 21.78
C THR A 18 8.28 -3.36 20.28
N SER A 19 9.44 -3.67 19.71
CA SER A 19 9.66 -3.46 18.28
C SER A 19 8.72 -4.33 17.45
N ILE A 20 8.52 -5.56 17.88
CA ILE A 20 7.61 -6.45 17.15
C ILE A 20 6.21 -5.88 17.22
N ALA A 21 5.80 -5.47 18.42
CA ALA A 21 4.47 -4.89 18.62
C ALA A 21 4.23 -3.69 17.70
N TYR A 22 5.18 -2.75 17.65
CA TYR A 22 5.02 -1.59 16.80
C TYR A 22 4.87 -1.96 15.33
N ALA A 23 5.67 -2.94 14.88
CA ALA A 23 5.60 -3.39 13.49
C ALA A 23 4.24 -4.03 13.23
N MET A 24 3.74 -4.77 14.22
CA MET A 24 2.43 -5.39 14.09
C MET A 24 1.39 -4.30 13.92
N ILE A 25 1.37 -3.37 14.85
CA ILE A 25 0.45 -2.25 14.82
C ILE A 25 0.56 -1.48 13.51
N ASN A 26 1.78 -1.13 13.13
CA ASN A 26 1.99 -0.38 11.90
C ASN A 26 1.43 -1.07 10.68
N GLN A 27 1.59 -2.38 10.59
CA GLN A 27 1.10 -3.14 9.44
C GLN A 27 -0.34 -3.62 9.59
N GLY A 28 -0.93 -3.39 10.75
CA GLY A 28 -2.29 -3.83 10.98
C GLY A 28 -2.44 -5.28 10.56
N VAL A 29 -1.60 -6.15 11.12
CA VAL A 29 -1.64 -7.55 10.77
C VAL A 29 -2.70 -8.28 11.59
N ALA A 30 -2.82 -7.90 12.86
CA ALA A 30 -3.81 -8.51 13.75
C ALA A 30 -4.79 -7.44 14.21
N ASN A 31 -5.96 -7.84 14.67
CA ASN A 31 -6.95 -6.87 15.13
C ASN A 31 -6.85 -6.72 16.64
N GLU A 32 -6.48 -7.81 17.31
CA GLU A 32 -6.31 -7.80 18.76
C GLU A 32 -4.85 -8.09 19.09
N LEU A 33 -4.20 -7.14 19.75
CA LEU A 33 -2.81 -7.28 20.14
C LEU A 33 -2.64 -7.15 21.64
N VAL A 34 -2.40 -8.28 22.30
CA VAL A 34 -2.21 -8.32 23.76
C VAL A 34 -0.73 -8.42 24.12
N LEU A 35 -0.29 -7.53 25.01
CA LEU A 35 1.10 -7.52 25.43
C LEU A 35 1.22 -8.01 26.87
N ILE A 36 2.01 -9.05 27.07
CA ILE A 36 2.22 -9.57 28.42
C ILE A 36 3.61 -9.17 28.89
N ASP A 37 3.66 -8.33 29.91
CA ASP A 37 4.93 -7.87 30.48
C ASP A 37 5.46 -9.01 31.33
N VAL A 38 6.62 -9.55 30.98
CA VAL A 38 7.18 -10.65 31.75
C VAL A 38 7.78 -10.22 33.08
N ASN A 39 8.72 -9.27 33.04
CA ASN A 39 9.34 -8.80 34.28
C ASN A 39 10.66 -8.06 33.99
N GLN A 40 11.60 -8.19 34.91
CA GLN A 40 12.91 -7.57 34.79
C GLN A 40 13.78 -8.59 34.05
N GLU A 41 13.13 -9.64 33.58
CA GLU A 41 13.76 -10.72 32.84
C GLU A 41 13.28 -10.67 31.39
N LYS A 42 13.24 -9.45 30.84
CA LYS A 42 12.81 -9.23 29.46
C LYS A 42 13.93 -8.53 28.69
N ALA A 43 13.58 -7.72 27.69
CA ALA A 43 14.58 -7.01 26.91
C ALA A 43 14.76 -5.59 27.43
N GLU A 44 14.39 -5.36 28.68
CA GLU A 44 14.48 -4.06 29.34
C GLU A 44 13.57 -3.01 28.71
N GLY A 45 13.01 -2.14 29.54
CA GLY A 45 12.13 -1.10 29.04
C GLY A 45 11.32 -0.49 30.16
N LEU A 51 2.17 0.96 27.59
CA LEU A 51 0.85 1.47 28.04
C LEU A 51 0.21 2.37 26.99
N ASP A 52 0.41 3.67 27.14
CA ASP A 52 -0.14 4.67 26.21
C ASP A 52 0.65 4.71 24.90
N GLY A 53 1.84 4.12 24.90
CA GLY A 53 2.69 4.13 23.71
C GLY A 53 2.17 3.29 22.54
N MET A 54 0.92 2.86 22.63
CA MET A 54 0.32 2.05 21.57
C MET A 54 -0.81 2.80 20.89
N ALA A 55 -1.18 3.94 21.45
CA ALA A 55 -2.25 4.77 20.90
C ALA A 55 -1.77 5.78 19.87
N TRP A 56 -1.56 5.30 18.64
CA TRP A 56 -1.12 6.14 17.53
C TRP A 56 -1.30 5.36 16.24
N GLY A 57 -1.72 4.10 16.38
CA GLY A 57 -1.94 3.27 15.22
C GLY A 57 -2.83 3.96 14.20
N GLU A 58 -2.61 3.69 12.93
CA GLU A 58 -3.40 4.31 11.88
C GLU A 58 -4.61 3.45 11.52
N LYS A 59 -4.35 2.25 11.01
CA LYS A 59 -5.42 1.34 10.62
C LYS A 59 -5.95 0.56 11.83
N ASN A 60 -6.47 1.31 12.79
CA ASN A 60 -7.03 0.84 14.06
C ASN A 60 -6.88 -0.63 14.44
N VAL A 61 -6.19 -0.83 15.57
CA VAL A 61 -5.94 -2.14 16.14
C VAL A 61 -5.99 -1.94 17.65
N SER A 62 -6.85 -2.66 18.35
CA SER A 62 -6.96 -2.50 19.79
C SER A 62 -5.88 -3.27 20.55
N VAL A 63 -4.94 -2.52 21.09
CA VAL A 63 -3.82 -3.09 21.83
C VAL A 63 -3.97 -2.86 23.34
N TRP A 64 -3.86 -3.93 24.12
CA TRP A 64 -3.95 -3.80 25.58
C TRP A 64 -3.01 -4.75 26.33
N SER A 65 -2.72 -4.41 27.58
CA SER A 65 -1.85 -5.20 28.44
C SER A 65 -2.67 -6.23 29.20
N GLY A 66 -2.14 -7.45 29.36
CA GLY A 66 -2.88 -8.48 30.08
C GLY A 66 -2.06 -9.60 30.69
N THR A 67 -2.72 -10.72 30.98
CA THR A 67 -2.08 -11.89 31.58
C THR A 67 -2.16 -13.11 30.66
N TYR A 68 -1.59 -14.23 31.10
CA TYR A 68 -1.59 -15.45 30.30
C TYR A 68 -2.97 -15.98 29.95
N GLU A 69 -3.97 -15.65 30.75
CA GLU A 69 -5.34 -16.10 30.50
C GLU A 69 -5.78 -15.70 29.10
N GLU A 70 -5.27 -14.55 28.65
CA GLU A 70 -5.59 -14.00 27.34
C GLU A 70 -5.14 -14.91 26.19
N CYS A 71 -4.40 -15.96 26.52
CA CYS A 71 -3.90 -16.87 25.50
C CYS A 71 -4.86 -17.98 25.10
N GLN A 72 -6.00 -18.05 25.78
CA GLN A 72 -6.99 -19.09 25.47
C GLN A 72 -7.47 -18.96 24.03
N ASP A 73 -8.13 -17.84 23.74
CA ASP A 73 -8.69 -17.58 22.42
C ASP A 73 -7.70 -16.99 21.42
N ALA A 74 -6.45 -16.81 21.84
CA ALA A 74 -5.42 -16.25 20.96
C ALA A 74 -5.07 -17.26 19.86
N ASN A 75 -4.84 -16.75 18.65
CA ASN A 75 -4.49 -17.62 17.52
C ASN A 75 -2.98 -17.87 17.43
N LEU A 76 -2.22 -16.86 17.83
CA LEU A 76 -0.78 -16.95 17.75
C LEU A 76 -0.13 -16.22 18.92
N VAL A 77 0.89 -16.86 19.50
CA VAL A 77 1.62 -16.27 20.61
C VAL A 77 3.08 -16.10 20.20
N ILE A 78 3.58 -14.88 20.34
CA ILE A 78 4.96 -14.57 19.99
C ILE A 78 5.82 -14.50 21.26
N LEU A 79 6.87 -15.32 21.31
CA LEU A 79 7.76 -15.32 22.47
C LEU A 79 8.95 -14.41 22.19
N THR A 80 9.16 -13.41 23.05
CA THR A 80 10.26 -12.47 22.86
C THR A 80 11.05 -12.23 24.13
N ALA A 81 10.62 -12.85 25.23
CA ALA A 81 11.28 -12.68 26.52
C ALA A 81 12.71 -13.25 26.55
N GLY A 82 13.48 -12.83 27.55
CA GLY A 82 14.84 -13.30 27.69
C GLY A 82 15.76 -12.14 28.04
N VAL A 83 16.86 -12.42 28.74
CA VAL A 83 17.80 -11.38 29.13
C VAL A 83 19.05 -11.34 28.27
N ASN A 84 19.81 -10.27 28.42
CA ASN A 84 21.06 -10.07 27.70
C ASN A 84 22.23 -10.56 28.55
N GLN A 85 23.34 -10.87 27.90
CA GLN A 85 24.52 -11.37 28.60
C GLN A 85 25.20 -10.29 29.44
N LYS A 86 25.25 -10.53 30.75
CA LYS A 86 25.88 -9.59 31.68
C LYS A 86 27.39 -9.81 31.65
N PRO A 87 28.18 -8.74 31.85
CA PRO A 87 29.65 -8.87 31.85
C PRO A 87 30.05 -9.91 32.89
N GLY A 88 30.83 -10.90 32.47
CA GLY A 88 31.25 -11.95 33.39
C GLY A 88 30.54 -13.26 33.08
N GLN A 89 29.21 -13.22 33.14
CA GLN A 89 28.39 -14.40 32.85
C GLN A 89 28.87 -15.03 31.56
N THR A 90 28.79 -16.36 31.49
CA THR A 90 29.22 -17.10 30.31
C THR A 90 28.09 -17.29 29.31
N ARG A 91 28.44 -17.57 28.06
CA ARG A 91 27.45 -17.83 27.02
C ARG A 91 26.57 -19.00 27.40
N LEU A 92 27.16 -20.05 27.94
CA LEU A 92 26.38 -21.21 28.34
C LEU A 92 25.43 -20.86 29.49
N ASP A 93 25.84 -19.96 30.37
CA ASP A 93 24.97 -19.58 31.46
C ASP A 93 23.82 -18.70 30.96
N LEU A 94 24.02 -18.00 29.84
CA LEU A 94 22.98 -17.15 29.28
C LEU A 94 21.96 -18.04 28.57
N VAL A 95 22.45 -19.08 27.91
CA VAL A 95 21.58 -20.01 27.22
C VAL A 95 20.67 -20.68 28.26
N LYS A 96 21.26 -21.10 29.37
CA LYS A 96 20.54 -21.74 30.46
C LYS A 96 19.49 -20.80 31.05
N THR A 97 19.91 -19.56 31.31
CA THR A 97 19.03 -18.53 31.85
C THR A 97 17.79 -18.40 30.98
N ASN A 98 17.98 -17.95 29.75
CA ASN A 98 16.86 -17.78 28.84
C ASN A 98 16.10 -19.07 28.56
N ALA A 99 16.73 -20.22 28.80
CA ALA A 99 16.03 -21.49 28.55
C ALA A 99 15.01 -21.76 29.66
N THR A 100 15.34 -21.37 30.89
CA THR A 100 14.43 -21.59 32.00
C THR A 100 13.34 -20.52 32.01
N ILE A 101 13.66 -19.35 31.46
CA ILE A 101 12.66 -18.28 31.41
C ILE A 101 11.59 -18.67 30.40
N THR A 102 12.02 -19.03 29.19
CA THR A 102 11.13 -19.42 28.13
C THR A 102 10.26 -20.60 28.49
N ARG A 103 10.87 -21.63 29.07
CA ARG A 103 10.14 -22.83 29.44
C ARG A 103 9.00 -22.49 30.41
N GLN A 104 9.30 -21.65 31.39
CA GLN A 104 8.33 -21.24 32.38
C GLN A 104 7.18 -20.51 31.68
N ILE A 105 7.53 -19.57 30.80
CA ILE A 105 6.52 -18.82 30.07
C ILE A 105 5.61 -19.74 29.26
N VAL A 106 6.21 -20.67 28.53
CA VAL A 106 5.46 -21.60 27.71
C VAL A 106 4.55 -22.48 28.54
N LYS A 107 5.00 -22.81 29.75
CA LYS A 107 4.22 -23.64 30.66
C LYS A 107 2.92 -22.93 31.02
N GLU A 108 3.04 -21.64 31.33
CA GLU A 108 1.88 -20.83 31.68
C GLU A 108 0.98 -20.56 30.48
N VAL A 109 1.57 -20.30 29.33
CA VAL A 109 0.80 -20.04 28.12
C VAL A 109 -0.08 -21.26 27.84
N MET A 110 0.49 -22.46 27.99
CA MET A 110 -0.28 -23.68 27.75
C MET A 110 -1.34 -23.90 28.84
N ALA A 111 -1.04 -23.45 30.05
CA ALA A 111 -1.95 -23.60 31.18
C ALA A 111 -3.30 -22.96 30.89
N SER A 112 -3.27 -21.75 30.33
CA SER A 112 -4.49 -21.02 30.00
C SER A 112 -5.38 -21.84 29.06
N GLY A 113 -4.78 -22.74 28.31
CA GLY A 113 -5.56 -23.56 27.39
C GLY A 113 -5.29 -23.21 25.93
N PHE A 114 -4.32 -22.33 25.72
CA PHE A 114 -3.92 -21.90 24.37
C PHE A 114 -3.82 -23.12 23.47
N ASP A 115 -4.23 -22.95 22.22
CA ASP A 115 -4.16 -24.04 21.26
C ASP A 115 -3.86 -23.48 19.86
N GLY A 116 -3.10 -22.40 19.81
CA GLY A 116 -2.78 -21.78 18.53
C GLY A 116 -1.41 -22.13 17.94
N ILE A 117 -0.68 -21.10 17.54
CA ILE A 117 0.64 -21.26 16.93
C ILE A 117 1.70 -20.42 17.63
N PHE A 118 2.86 -21.01 17.84
CA PHE A 118 3.96 -20.31 18.49
C PHE A 118 4.94 -19.76 17.48
N VAL A 119 5.32 -18.51 17.69
CA VAL A 119 6.34 -17.86 16.86
C VAL A 119 7.42 -17.44 17.86
N VAL A 120 8.56 -18.11 17.79
CA VAL A 120 9.67 -17.81 18.70
C VAL A 120 10.62 -16.77 18.09
N ALA A 121 10.82 -15.67 18.82
CA ALA A 121 11.70 -14.60 18.36
C ALA A 121 12.87 -14.36 19.30
N SER A 122 12.82 -14.98 20.49
CA SER A 122 13.88 -14.81 21.47
C SER A 122 15.16 -15.60 21.15
N ASN A 123 16.31 -15.04 21.49
CA ASN A 123 17.60 -15.69 21.20
C ASN A 123 18.22 -16.46 22.36
N PRO A 124 18.88 -17.60 22.07
CA PRO A 124 19.10 -18.24 20.77
C PRO A 124 17.83 -18.88 20.21
N VAL A 125 17.37 -18.34 19.09
CA VAL A 125 16.14 -18.78 18.46
C VAL A 125 15.96 -20.27 18.19
N ASP A 126 16.93 -20.90 17.54
CA ASP A 126 16.82 -22.32 17.23
C ASP A 126 16.63 -23.20 18.47
N ILE A 127 17.36 -22.88 19.52
CA ILE A 127 17.28 -23.65 20.75
C ILE A 127 15.99 -23.41 21.52
N LEU A 128 15.59 -22.15 21.66
CA LEU A 128 14.37 -21.80 22.38
C LEU A 128 13.13 -22.35 21.68
N THR A 129 13.21 -22.42 20.35
CA THR A 129 12.11 -22.93 19.53
C THR A 129 11.93 -24.42 19.85
N TYR A 130 13.04 -25.12 19.98
CA TYR A 130 13.02 -26.55 20.30
C TYR A 130 12.47 -26.74 21.73
N LEU A 131 12.96 -25.94 22.66
CA LEU A 131 12.48 -26.03 24.03
C LEU A 131 10.99 -25.72 24.07
N THR A 132 10.56 -24.76 23.24
CA THR A 132 9.15 -24.40 23.19
C THR A 132 8.34 -25.60 22.70
N TRP A 133 8.86 -26.26 21.68
CA TRP A 133 8.20 -27.42 21.12
C TRP A 133 7.98 -28.52 22.14
N GLN A 134 9.06 -28.97 22.77
CA GLN A 134 8.91 -30.04 23.74
C GLN A 134 8.16 -29.67 25.01
N GLU A 135 8.21 -28.40 25.38
CA GLU A 135 7.51 -27.94 26.59
C GLU A 135 6.00 -27.80 26.36
N SER A 136 5.61 -27.36 25.17
CA SER A 136 4.19 -27.18 24.86
C SER A 136 3.52 -28.46 24.42
N GLY A 137 4.32 -29.41 23.92
CA GLY A 137 3.78 -30.66 23.44
C GLY A 137 3.04 -30.51 22.12
N LEU A 138 3.03 -29.29 21.57
CA LEU A 138 2.36 -29.01 20.31
C LEU A 138 3.12 -29.64 19.15
N PRO A 139 2.46 -29.82 18.01
CA PRO A 139 3.15 -30.40 16.85
C PRO A 139 4.20 -29.40 16.34
N ALA A 140 5.36 -29.95 15.93
CA ALA A 140 6.49 -29.17 15.43
C ALA A 140 6.13 -28.07 14.44
N SER A 141 5.18 -28.37 13.56
CA SER A 141 4.73 -27.42 12.55
C SER A 141 4.01 -26.21 13.13
N ARG A 142 3.68 -26.27 14.42
CA ARG A 142 2.98 -25.16 15.05
C ARG A 142 3.87 -24.31 15.96
N VAL A 143 5.16 -24.61 15.96
CA VAL A 143 6.14 -23.87 16.74
C VAL A 143 7.12 -23.35 15.69
N VAL A 144 7.05 -22.05 15.43
CA VAL A 144 7.88 -21.45 14.40
C VAL A 144 8.87 -20.40 14.87
N GLY A 145 10.14 -20.71 14.67
CA GLY A 145 11.21 -19.78 15.05
C GLY A 145 11.51 -18.85 13.89
N THR A 146 12.03 -17.67 14.20
CA THR A 146 12.37 -16.69 13.19
C THR A 146 13.49 -17.12 12.24
N GLY A 147 14.20 -18.19 12.61
CA GLY A 147 15.28 -18.71 11.78
C GLY A 147 16.23 -17.68 11.18
N THR A 148 16.50 -17.78 9.88
CA THR A 148 17.39 -16.85 9.20
C THR A 148 16.65 -15.88 8.27
N THR A 149 15.41 -15.58 8.63
CA THR A 149 14.59 -14.67 7.85
C THR A 149 15.27 -13.30 7.72
N LEU A 150 15.75 -12.77 8.85
CA LEU A 150 16.41 -11.47 8.87
C LEU A 150 17.72 -11.49 8.10
N ASP A 151 18.57 -12.46 8.40
CA ASP A 151 19.85 -12.56 7.73
C ASP A 151 19.64 -12.72 6.23
N THR A 152 18.66 -13.53 5.86
CA THR A 152 18.38 -13.74 4.45
C THR A 152 17.97 -12.42 3.77
N THR A 153 17.13 -11.63 4.42
CA THR A 153 16.69 -10.38 3.82
C THR A 153 17.88 -9.45 3.61
N ARG A 154 18.85 -9.50 4.51
CA ARG A 154 20.04 -8.69 4.42
C ARG A 154 20.91 -9.22 3.28
N PHE A 155 21.00 -10.54 3.23
CA PHE A 155 21.75 -11.25 2.20
C PHE A 155 21.32 -10.79 0.81
N ARG A 156 20.02 -10.81 0.58
CA ARG A 156 19.47 -10.42 -0.72
C ARG A 156 19.68 -8.96 -1.06
N LYS A 157 19.53 -8.08 -0.06
CA LYS A 157 19.68 -6.65 -0.28
C LYS A 157 21.12 -6.31 -0.64
N GLU A 158 22.05 -6.94 0.05
CA GLU A 158 23.46 -6.71 -0.18
C GLU A 158 23.84 -7.17 -1.58
N ILE A 159 23.29 -8.30 -2.01
CA ILE A 159 23.56 -8.79 -3.36
C ILE A 159 22.94 -7.80 -4.37
N ALA A 160 21.72 -7.37 -4.08
CA ALA A 160 21.02 -6.43 -4.92
C ALA A 160 21.85 -5.15 -5.10
N LEU A 161 22.38 -4.65 -3.98
CA LEU A 161 23.20 -3.44 -3.97
C LEU A 161 24.46 -3.58 -4.79
N LYS A 162 25.08 -4.76 -4.75
CA LYS A 162 26.31 -4.96 -5.49
C LYS A 162 26.12 -5.10 -6.99
N LEU A 163 24.93 -5.51 -7.41
CA LEU A 163 24.65 -5.69 -8.84
C LEU A 163 23.60 -4.71 -9.36
N ALA A 164 23.30 -3.69 -8.56
CA ALA A 164 22.34 -2.67 -8.94
C ALA A 164 21.02 -3.23 -9.53
N VAL A 165 20.31 -4.02 -8.74
CA VAL A 165 19.02 -4.57 -9.17
C VAL A 165 18.08 -4.51 -7.99
N ASP A 166 16.79 -4.62 -8.26
CA ASP A 166 15.80 -4.61 -7.20
C ASP A 166 15.94 -5.91 -6.42
N PRO A 167 16.00 -5.84 -5.09
CA PRO A 167 16.13 -7.07 -4.30
C PRO A 167 15.09 -8.14 -4.61
N ARG A 168 13.90 -7.71 -5.01
CA ARG A 168 12.84 -8.65 -5.35
C ARG A 168 13.28 -9.59 -6.48
N SER A 169 14.29 -9.22 -7.24
CA SER A 169 14.72 -10.10 -8.32
C SER A 169 15.78 -11.09 -7.87
N VAL A 170 16.15 -10.99 -6.60
CA VAL A 170 17.16 -11.86 -6.01
C VAL A 170 16.53 -12.94 -5.14
N HIS A 171 16.83 -14.19 -5.45
CA HIS A 171 16.33 -15.31 -4.65
C HIS A 171 17.48 -16.17 -4.13
N GLY A 172 17.56 -16.30 -2.82
CA GLY A 172 18.62 -17.07 -2.21
C GLY A 172 18.36 -17.12 -0.73
N TYR A 173 19.14 -17.93 -0.03
CA TYR A 173 18.95 -18.06 1.40
C TYR A 173 20.22 -18.23 2.17
N ILE A 174 20.09 -17.97 3.47
CA ILE A 174 21.14 -18.16 4.45
C ILE A 174 20.56 -19.38 5.17
N LEU A 175 21.33 -20.45 5.32
CA LEU A 175 20.81 -21.65 5.98
C LEU A 175 21.44 -21.87 7.34
N GLY A 176 20.69 -22.56 8.19
CA GLY A 176 21.16 -22.89 9.52
C GLY A 176 20.84 -21.91 10.62
N GLU A 177 21.75 -21.81 11.58
CA GLU A 177 21.62 -20.92 12.73
C GLU A 177 22.31 -19.61 12.40
N HIS A 178 21.62 -18.47 12.54
CA HIS A 178 22.26 -17.21 12.18
C HIS A 178 23.40 -16.81 13.10
N GLY A 179 24.62 -17.02 12.61
CA GLY A 179 25.80 -16.70 13.37
C GLY A 179 27.02 -17.07 12.55
N ASP A 180 28.15 -17.31 13.23
CA ASP A 180 29.38 -17.67 12.51
C ASP A 180 29.29 -18.98 11.75
N SER A 181 28.24 -19.75 12.00
CA SER A 181 28.08 -21.04 11.34
C SER A 181 27.08 -21.04 10.18
N GLU A 182 26.33 -19.95 10.02
CA GLU A 182 25.34 -19.87 8.95
C GLU A 182 25.97 -20.17 7.61
N VAL A 183 25.15 -20.62 6.68
CA VAL A 183 25.61 -21.00 5.37
C VAL A 183 24.97 -20.22 4.23
N ALA A 184 25.79 -19.42 3.55
CA ALA A 184 25.31 -18.66 2.41
C ALA A 184 25.20 -19.69 1.29
N ALA A 185 23.97 -20.05 0.94
CA ALA A 185 23.76 -21.04 -0.11
C ALA A 185 23.87 -20.43 -1.52
N TRP A 186 25.09 -20.09 -1.90
CA TRP A 186 25.34 -19.50 -3.22
C TRP A 186 24.86 -20.34 -4.39
N SER A 187 24.89 -21.66 -4.24
CA SER A 187 24.48 -22.55 -5.32
C SER A 187 23.03 -22.34 -5.75
N HIS A 188 22.20 -21.84 -4.85
CA HIS A 188 20.80 -21.62 -5.17
C HIS A 188 20.37 -20.19 -4.97
N THR A 189 21.29 -19.29 -5.29
CA THR A 189 21.06 -17.86 -5.20
C THR A 189 21.07 -17.39 -6.64
N THR A 190 19.98 -16.74 -7.06
CA THR A 190 19.86 -16.24 -8.42
C THR A 190 19.47 -14.78 -8.45
N VAL A 191 19.82 -14.14 -9.55
CA VAL A 191 19.53 -12.71 -9.79
C VAL A 191 18.86 -12.66 -11.15
N GLY A 192 17.63 -12.20 -11.20
CA GLY A 192 16.92 -12.15 -12.47
C GLY A 192 16.87 -13.54 -13.07
N GLY A 193 16.84 -14.56 -12.22
CA GLY A 193 16.81 -15.95 -12.68
C GLY A 193 18.18 -16.51 -13.02
N LYS A 194 19.21 -15.69 -12.90
CA LYS A 194 20.57 -16.10 -13.23
C LYS A 194 21.38 -16.51 -12.00
N PRO A 195 21.87 -17.77 -11.99
CA PRO A 195 22.67 -18.29 -10.89
C PRO A 195 23.87 -17.37 -10.64
N ILE A 196 24.02 -16.94 -9.40
CA ILE A 196 25.09 -16.03 -9.02
C ILE A 196 26.50 -16.56 -9.38
N MET A 197 26.68 -17.87 -9.32
CA MET A 197 27.98 -18.46 -9.63
C MET A 197 28.34 -18.23 -11.10
N GLU A 198 27.32 -17.98 -11.91
CA GLU A 198 27.52 -17.75 -13.33
C GLU A 198 28.14 -16.35 -13.54
N TYR A 199 28.00 -15.49 -12.53
CA TYR A 199 28.55 -14.13 -12.59
C TYR A 199 30.05 -14.17 -12.29
N VAL A 200 30.52 -15.31 -11.80
CA VAL A 200 31.94 -15.46 -11.47
C VAL A 200 32.64 -16.54 -12.29
N GLU A 201 31.88 -17.54 -12.72
CA GLU A 201 32.43 -18.64 -13.49
C GLU A 201 32.06 -18.65 -14.97
N LYS A 202 31.71 -17.48 -15.51
CA LYS A 202 31.35 -17.39 -16.92
C LYS A 202 31.41 -15.96 -17.43
N ASP A 203 31.07 -15.01 -16.56
CA ASP A 203 31.08 -13.60 -16.94
C ASP A 203 32.26 -12.90 -16.29
N HIS A 204 32.67 -13.41 -15.13
CA HIS A 204 33.78 -12.84 -14.39
C HIS A 204 33.48 -11.41 -13.96
N ARG A 205 32.19 -11.07 -13.92
CA ARG A 205 31.79 -9.74 -13.49
C ARG A 205 31.83 -9.72 -11.96
N LEU A 206 32.07 -10.90 -11.40
CA LEU A 206 32.19 -11.09 -9.95
C LEU A 206 33.34 -12.04 -9.63
N GLU A 207 34.03 -11.76 -8.53
CA GLU A 207 35.15 -12.58 -8.10
C GLU A 207 34.74 -13.40 -6.89
N GLU A 208 35.53 -14.40 -6.56
CA GLU A 208 35.26 -15.27 -5.43
C GLU A 208 35.26 -14.46 -4.11
N ASN A 209 36.17 -13.51 -4.01
CA ASN A 209 36.27 -12.69 -2.80
C ASN A 209 35.02 -11.84 -2.61
N ASP A 210 34.29 -11.59 -3.70
CA ASP A 210 33.06 -10.80 -3.64
C ASP A 210 31.98 -11.53 -2.83
N LEU A 211 31.88 -12.84 -3.02
CA LEU A 211 30.88 -13.63 -2.29
C LEU A 211 31.23 -13.69 -0.80
N THR A 212 32.50 -13.97 -0.51
CA THR A 212 32.95 -14.07 0.88
C THR A 212 32.73 -12.75 1.65
N VAL A 213 32.98 -11.63 0.99
CA VAL A 213 32.80 -10.34 1.62
C VAL A 213 31.31 -10.13 1.90
N LEU A 214 30.48 -10.61 0.99
CA LEU A 214 29.04 -10.48 1.14
C LEU A 214 28.58 -11.36 2.30
N ALA A 215 28.95 -12.63 2.24
CA ALA A 215 28.57 -13.59 3.27
C ALA A 215 29.06 -13.10 4.64
N ASP A 216 30.24 -12.49 4.68
CA ASP A 216 30.77 -11.99 5.96
C ASP A 216 30.05 -10.73 6.44
N LYS A 217 29.57 -9.91 5.51
CA LYS A 217 28.88 -8.69 5.93
C LYS A 217 27.64 -9.09 6.69
N VAL A 218 26.97 -10.12 6.20
CA VAL A 218 25.76 -10.63 6.83
C VAL A 218 26.13 -11.47 8.04
N LYS A 219 27.17 -12.29 7.87
CA LYS A 219 27.68 -13.18 8.89
C LYS A 219 27.96 -12.49 10.22
N ASN A 220 28.91 -11.57 10.22
CA ASN A 220 29.23 -10.89 11.47
C ASN A 220 28.47 -9.58 11.62
N ALA A 221 27.26 -9.56 11.06
CA ALA A 221 26.39 -8.41 11.18
C ALA A 221 25.39 -8.86 12.22
N ALA A 222 25.36 -10.17 12.44
CA ALA A 222 24.48 -10.81 13.41
C ALA A 222 24.84 -10.37 14.82
N TYR A 223 25.70 -9.35 14.92
CA TYR A 223 26.12 -8.81 16.21
C TYR A 223 26.76 -7.42 16.09
N GLU A 224 26.03 -6.48 15.49
CA GLU A 224 26.52 -5.12 15.33
C GLU A 224 25.87 -4.07 16.25
N ILE A 225 24.68 -4.38 16.75
CA ILE A 225 23.98 -3.46 17.65
C ILE A 225 24.92 -3.06 18.79
N ILE A 226 24.78 -1.85 19.32
CA ILE A 226 25.66 -1.37 20.38
C ILE A 226 25.03 -1.09 21.75
N ASP A 227 24.48 0.11 21.93
CA ASP A 227 23.88 0.49 23.20
C ASP A 227 22.39 0.16 23.39
N ARG A 228 21.79 -0.44 22.38
CA ARG A 228 20.38 -0.86 22.43
C ARG A 228 19.29 0.19 22.67
N LYS A 229 19.60 1.27 23.37
CA LYS A 229 18.60 2.30 23.61
C LYS A 229 18.44 3.17 22.36
N LYS A 230 19.47 3.17 21.51
CA LYS A 230 19.46 3.95 20.28
C LYS A 230 19.16 3.09 19.05
N ALA A 231 19.11 1.77 19.22
CA ALA A 231 18.81 0.87 18.12
C ALA A 231 17.31 0.90 17.86
N THR A 232 16.88 0.52 16.66
CA THR A 232 15.46 0.53 16.35
C THR A 232 14.81 -0.85 16.43
N TYR A 233 15.63 -1.90 16.33
CA TYR A 233 15.14 -3.28 16.37
C TYR A 233 14.18 -3.52 15.21
N TYR A 234 14.27 -2.66 14.21
CA TYR A 234 13.41 -2.73 13.05
C TYR A 234 13.51 -4.06 12.32
N GLY A 235 14.74 -4.53 12.11
CA GLY A 235 14.94 -5.80 11.43
C GLY A 235 14.20 -6.93 12.12
N ILE A 236 14.40 -7.09 13.42
CA ILE A 236 13.73 -8.19 14.12
C ILE A 236 12.22 -8.00 14.09
N GLY A 237 11.77 -6.77 14.31
CA GLY A 237 10.35 -6.51 14.30
C GLY A 237 9.75 -6.86 12.95
N MET A 238 10.41 -6.43 11.89
CA MET A 238 9.95 -6.69 10.54
C MET A 238 9.97 -8.16 10.18
N SER A 239 11.05 -8.86 10.50
CA SER A 239 11.12 -10.27 10.14
C SER A 239 10.08 -11.09 10.90
N THR A 240 9.89 -10.79 12.18
CA THR A 240 8.91 -11.52 12.96
C THR A 240 7.51 -11.23 12.45
N THR A 241 7.26 -9.96 12.14
CA THR A 241 5.96 -9.54 11.64
C THR A 241 5.69 -10.19 10.29
N ARG A 242 6.76 -10.42 9.53
CA ARG A 242 6.63 -11.04 8.22
C ARG A 242 6.08 -12.45 8.38
N ILE A 243 6.61 -13.18 9.36
CA ILE A 243 6.17 -14.54 9.59
C ILE A 243 4.72 -14.59 10.10
N VAL A 244 4.39 -13.72 11.04
CA VAL A 244 3.03 -13.69 11.58
C VAL A 244 2.05 -13.44 10.45
N LYS A 245 2.38 -12.47 9.60
CA LYS A 245 1.53 -12.11 8.47
C LYS A 245 1.28 -13.29 7.53
N ALA A 246 2.33 -14.05 7.23
CA ALA A 246 2.18 -15.19 6.32
C ALA A 246 1.30 -16.26 6.94
N ILE A 247 1.34 -16.36 8.26
CA ILE A 247 0.54 -17.36 8.94
C ILE A 247 -0.92 -16.94 8.96
N LEU A 248 -1.16 -15.70 9.38
CA LEU A 248 -2.51 -15.16 9.48
C LEU A 248 -3.23 -14.96 8.16
N ASN A 249 -2.49 -14.70 7.09
CA ASN A 249 -3.10 -14.51 5.77
C ASN A 249 -2.97 -15.73 4.89
N ASN A 250 -2.50 -16.83 5.46
CA ASN A 250 -2.33 -18.08 4.73
C ASN A 250 -1.64 -17.88 3.38
N GLU A 251 -0.53 -17.11 3.42
CA GLU A 251 0.24 -16.79 2.22
C GLU A 251 0.94 -17.92 1.50
N GLN A 252 1.27 -19.00 2.20
CA GLN A 252 1.98 -20.10 1.56
C GLN A 252 3.33 -19.55 1.09
N ALA A 253 3.83 -18.58 1.83
CA ALA A 253 5.10 -17.95 1.53
C ALA A 253 6.26 -18.85 1.92
N VAL A 254 7.38 -18.68 1.21
CA VAL A 254 8.57 -19.45 1.48
C VAL A 254 9.49 -18.59 2.32
N LEU A 255 9.63 -18.96 3.59
CA LEU A 255 10.47 -18.23 4.52
C LEU A 255 11.45 -19.16 5.22
N PRO A 256 12.69 -18.68 5.42
CA PRO A 256 13.73 -19.46 6.08
C PRO A 256 13.57 -19.42 7.61
N VAL A 257 12.39 -19.85 8.06
CA VAL A 257 12.06 -19.91 9.49
C VAL A 257 12.75 -21.11 10.16
N SER A 258 12.73 -21.16 11.48
CA SER A 258 13.30 -22.30 12.18
C SER A 258 12.29 -23.43 12.10
N ALA A 259 12.57 -24.41 11.25
CA ALA A 259 11.69 -25.55 11.05
C ALA A 259 12.34 -26.86 11.54
N TYR A 260 11.50 -27.81 11.92
CA TYR A 260 11.93 -29.11 12.41
C TYR A 260 12.29 -30.01 11.24
N LEU A 261 13.52 -30.50 11.22
CA LEU A 261 13.95 -31.36 10.12
C LEU A 261 13.79 -32.84 10.43
N ASN A 262 13.53 -33.61 9.38
CA ASN A 262 13.36 -35.05 9.46
C ASN A 262 14.07 -35.65 8.26
N GLY A 263 15.35 -35.33 8.12
CA GLY A 263 16.07 -35.88 6.99
C GLY A 263 16.51 -34.87 5.96
N GLU A 264 15.73 -33.80 5.76
CA GLU A 264 16.13 -32.80 4.76
C GLU A 264 17.48 -32.21 5.12
N TYR A 265 18.33 -32.04 4.11
CA TYR A 265 19.68 -31.51 4.28
C TYR A 265 20.60 -32.49 5.01
N GLY A 266 20.12 -33.72 5.22
CA GLY A 266 20.93 -34.73 5.90
C GLY A 266 20.93 -34.60 7.41
N GLU A 267 20.00 -33.81 7.96
CA GLU A 267 19.94 -33.65 9.41
C GLU A 267 18.58 -34.04 9.91
N GLU A 268 18.42 -34.13 11.22
CA GLU A 268 17.13 -34.53 11.81
C GLU A 268 16.98 -34.18 13.29
N ASP A 269 15.74 -34.18 13.74
CA ASP A 269 15.38 -33.91 15.14
C ASP A 269 15.96 -32.59 15.63
N ILE A 270 15.74 -31.52 14.86
CA ILE A 270 16.25 -30.21 15.21
C ILE A 270 15.52 -29.11 14.43
N PHE A 271 15.42 -27.92 15.02
CA PHE A 271 14.80 -26.78 14.36
C PHE A 271 15.93 -25.86 13.89
N THR A 272 15.88 -25.43 12.64
CA THR A 272 16.90 -24.51 12.16
C THR A 272 16.45 -23.86 10.85
N GLY A 273 17.12 -22.77 10.50
CA GLY A 273 16.78 -22.00 9.31
C GLY A 273 16.89 -22.72 7.97
N VAL A 274 15.74 -22.97 7.35
CA VAL A 274 15.68 -23.62 6.05
C VAL A 274 14.48 -23.06 5.33
N PRO A 275 14.51 -23.03 3.99
CA PRO A 275 13.38 -22.51 3.21
C PRO A 275 12.13 -23.33 3.49
N SER A 276 11.09 -22.69 3.99
CA SER A 276 9.86 -23.38 4.30
C SER A 276 8.60 -22.63 3.88
N ILE A 277 7.57 -23.40 3.54
CA ILE A 277 6.29 -22.88 3.13
C ILE A 277 5.46 -22.61 4.39
N VAL A 278 5.08 -21.36 4.62
CA VAL A 278 4.32 -21.00 5.81
C VAL A 278 2.86 -20.65 5.51
N ASP A 279 1.93 -21.22 6.28
CA ASP A 279 0.50 -20.95 6.09
C ASP A 279 -0.28 -20.92 7.39
N GLU A 280 -1.61 -20.90 7.27
CA GLU A 280 -2.56 -20.89 8.39
C GLU A 280 -2.22 -21.90 9.48
N ASN A 281 -1.64 -23.02 9.06
CA ASN A 281 -1.32 -24.09 10.00
C ASN A 281 0.13 -24.11 10.46
N GLY A 282 0.90 -23.10 10.09
CA GLY A 282 2.30 -23.00 10.46
C GLY A 282 3.20 -23.44 9.30
N VAL A 283 4.16 -24.31 9.59
CA VAL A 283 5.04 -24.81 8.55
C VAL A 283 4.45 -26.06 7.91
N ARG A 284 4.12 -25.97 6.63
CA ARG A 284 3.53 -27.08 5.90
C ARG A 284 4.55 -28.13 5.46
N GLU A 285 5.71 -27.66 5.04
CA GLU A 285 6.77 -28.56 4.59
C GLU A 285 8.04 -27.76 4.40
N ILE A 286 9.14 -28.46 4.22
CA ILE A 286 10.43 -27.82 4.01
C ILE A 286 10.90 -28.06 2.59
N ILE A 287 11.50 -27.04 1.98
CA ILE A 287 12.02 -27.17 0.64
C ILE A 287 13.46 -27.62 0.80
N ASP A 288 13.76 -28.83 0.34
CA ASP A 288 15.10 -29.39 0.44
C ASP A 288 15.92 -29.11 -0.80
N LEU A 289 16.71 -28.04 -0.76
CA LEU A 289 17.56 -27.64 -1.88
C LEU A 289 18.77 -28.56 -1.97
N SER A 290 19.12 -28.96 -3.19
CA SER A 290 20.26 -29.83 -3.41
C SER A 290 21.53 -28.99 -3.43
N ILE A 291 21.91 -28.47 -2.27
CA ILE A 291 23.09 -27.65 -2.15
C ILE A 291 24.34 -28.50 -2.38
N THR A 292 25.46 -27.83 -2.68
CA THR A 292 26.73 -28.51 -2.96
C THR A 292 27.32 -29.17 -1.71
N PRO A 293 28.14 -30.21 -1.93
CA PRO A 293 28.79 -30.95 -0.83
C PRO A 293 29.47 -30.03 0.18
N GLN A 294 30.06 -28.95 -0.31
CA GLN A 294 30.74 -27.99 0.54
C GLN A 294 29.73 -27.24 1.44
N GLU A 295 28.59 -26.87 0.86
CA GLU A 295 27.55 -26.15 1.61
C GLU A 295 26.90 -27.09 2.60
N LYS A 296 26.69 -28.32 2.17
CA LYS A 296 26.07 -29.31 3.06
C LYS A 296 27.02 -29.57 4.21
N ALA A 297 28.32 -29.50 3.94
CA ALA A 297 29.31 -29.75 4.96
C ALA A 297 29.22 -28.67 6.04
N MET A 298 29.11 -27.42 5.60
CA MET A 298 29.02 -26.33 6.55
C MET A 298 27.69 -26.38 7.27
N PHE A 299 26.64 -26.80 6.56
CA PHE A 299 25.33 -26.90 7.19
C PHE A 299 25.49 -27.92 8.32
N HIS A 300 26.13 -29.04 8.02
CA HIS A 300 26.37 -30.10 9.03
C HIS A 300 27.09 -29.51 10.24
N GLN A 301 28.18 -28.78 10.00
CA GLN A 301 28.94 -28.16 11.09
C GLN A 301 28.02 -27.34 11.97
N SER A 302 27.12 -26.59 11.34
CA SER A 302 26.18 -25.72 12.03
C SER A 302 25.17 -26.46 12.90
N VAL A 303 24.58 -27.52 12.36
CA VAL A 303 23.60 -28.28 13.11
C VAL A 303 24.27 -29.04 14.25
N SER A 304 25.51 -29.47 14.01
CA SER A 304 26.30 -30.19 14.99
C SER A 304 26.52 -29.35 16.24
N GLU A 305 26.94 -28.10 16.03
CA GLU A 305 27.19 -27.16 17.13
C GLU A 305 25.87 -26.78 17.78
N LEU A 306 24.81 -26.75 16.99
CA LEU A 306 23.49 -26.44 17.49
C LEU A 306 23.09 -27.52 18.49
N LYS A 307 23.18 -28.77 18.08
CA LYS A 307 22.83 -29.89 18.94
C LYS A 307 23.66 -29.95 20.23
N ALA A 308 24.95 -29.64 20.11
CA ALA A 308 25.83 -29.69 21.29
C ALA A 308 25.36 -28.72 22.37
N VAL A 309 25.00 -27.51 21.98
CA VAL A 309 24.54 -26.52 22.95
C VAL A 309 23.15 -26.87 23.43
N LEU A 310 22.30 -27.35 22.51
CA LEU A 310 20.94 -27.73 22.85
C LEU A 310 20.95 -28.83 23.93
N ASP A 311 21.92 -29.73 23.86
CA ASP A 311 22.01 -30.82 24.85
C ASP A 311 22.15 -30.28 26.26
N THR A 312 22.63 -29.05 26.40
CA THR A 312 22.80 -28.48 27.73
C THR A 312 21.51 -27.96 28.35
N VAL A 313 20.40 -28.02 27.62
CA VAL A 313 19.14 -27.52 28.16
C VAL A 313 17.89 -28.26 27.73
N ARG A 314 18.00 -29.10 26.70
CA ARG A 314 16.83 -29.84 26.25
C ARG A 314 16.24 -30.69 27.35
N LEU A 315 14.92 -30.82 27.34
CA LEU A 315 14.20 -31.59 28.33
C LEU A 315 14.40 -33.09 28.11
N GLU A 316 14.04 -33.89 29.10
CA GLU A 316 14.19 -35.34 29.03
C GLU A 316 12.97 -36.07 28.48
N HIS A 317 11.88 -35.35 28.29
CA HIS A 317 10.65 -35.93 27.76
C HIS A 317 9.66 -34.84 27.34
N LYS B 3 14.18 14.05 -16.66
CA LYS B 3 14.08 12.67 -16.09
C LYS B 3 13.23 12.64 -14.81
N THR B 4 12.87 11.44 -14.38
CA THR B 4 12.06 11.24 -13.17
C THR B 4 12.82 11.55 -11.88
N SER B 5 13.29 12.79 -11.77
CA SER B 5 14.04 13.28 -10.61
C SER B 5 13.26 13.40 -9.31
N ARG B 6 13.64 12.60 -8.31
CA ARG B 6 13.01 12.63 -6.98
C ARG B 6 14.12 12.50 -5.94
N LYS B 7 14.98 13.50 -5.88
CA LYS B 7 16.11 13.49 -4.96
C LYS B 7 15.93 14.38 -3.70
N VAL B 8 16.10 13.77 -2.54
CA VAL B 8 15.97 14.47 -1.27
C VAL B 8 17.24 14.35 -0.45
N VAL B 9 17.67 15.47 0.12
CA VAL B 9 18.86 15.51 0.96
C VAL B 9 18.46 15.82 2.42
N ILE B 10 18.96 15.03 3.35
CA ILE B 10 18.67 15.25 4.77
C ILE B 10 19.94 15.76 5.43
N VAL B 11 19.89 16.98 5.96
CA VAL B 11 21.05 17.56 6.63
C VAL B 11 20.95 17.34 8.15
N GLY B 12 21.93 16.63 8.69
CA GLY B 12 21.96 16.32 10.11
C GLY B 12 21.60 14.86 10.25
N THR B 13 22.50 14.06 10.82
CA THR B 13 22.23 12.64 10.98
C THR B 13 22.06 12.24 12.45
N GLY B 14 21.46 13.13 13.23
CA GLY B 14 21.22 12.86 14.63
C GLY B 14 19.93 12.06 14.71
N PHE B 15 19.28 12.06 15.87
CA PHE B 15 18.03 11.33 16.05
C PHE B 15 16.94 11.79 15.05
N VAL B 16 16.68 13.09 15.03
CA VAL B 16 15.69 13.65 14.14
C VAL B 16 15.99 13.27 12.71
N GLY B 17 17.19 13.61 12.24
CA GLY B 17 17.57 13.30 10.88
C GLY B 17 17.39 11.83 10.49
N THR B 18 17.92 10.93 11.31
CA THR B 18 17.82 9.51 11.02
C THR B 18 16.39 8.99 11.06
N SER B 19 15.58 9.44 12.02
CA SER B 19 14.20 8.98 12.10
C SER B 19 13.44 9.41 10.86
N ILE B 20 13.77 10.59 10.33
CA ILE B 20 13.14 11.07 9.12
C ILE B 20 13.60 10.17 7.98
N ALA B 21 14.84 9.72 8.05
CA ALA B 21 15.36 8.85 7.01
C ALA B 21 14.59 7.52 7.04
N TYR B 22 14.46 6.93 8.24
CA TYR B 22 13.76 5.66 8.36
C TYR B 22 12.35 5.71 7.80
N ALA B 23 11.62 6.79 8.11
CA ALA B 23 10.25 6.94 7.61
C ALA B 23 10.25 7.16 6.11
N MET B 24 11.22 7.92 5.61
CA MET B 24 11.33 8.19 4.18
C MET B 24 11.58 6.88 3.44
N ILE B 25 12.53 6.10 3.93
CA ILE B 25 12.84 4.82 3.31
C ILE B 25 11.63 3.88 3.42
N ASN B 26 11.05 3.80 4.60
CA ASN B 26 9.90 2.93 4.80
C ASN B 26 8.73 3.25 3.85
N GLN B 27 8.44 4.53 3.65
CA GLN B 27 7.34 4.91 2.76
C GLN B 27 7.81 5.10 1.31
N GLY B 28 9.11 4.93 1.10
CA GLY B 28 9.66 5.07 -0.24
C GLY B 28 9.11 6.25 -0.99
N VAL B 29 9.24 7.43 -0.39
CA VAL B 29 8.75 8.65 -1.00
C VAL B 29 9.76 9.26 -1.98
N ALA B 30 11.04 9.06 -1.69
CA ALA B 30 12.08 9.61 -2.54
C ALA B 30 12.85 8.54 -3.32
N ASN B 31 13.35 8.94 -4.48
CA ASN B 31 14.11 8.04 -5.33
C ASN B 31 15.54 8.00 -4.80
N GLU B 32 16.06 9.19 -4.51
CA GLU B 32 17.41 9.33 -3.99
C GLU B 32 17.34 9.96 -2.60
N LEU B 33 18.01 9.35 -1.62
CA LEU B 33 18.02 9.88 -0.26
C LEU B 33 19.46 10.06 0.20
N VAL B 34 19.90 11.31 0.28
CA VAL B 34 21.26 11.60 0.71
C VAL B 34 21.26 12.07 2.16
N LEU B 35 22.20 11.55 2.94
CA LEU B 35 22.30 11.92 4.34
C LEU B 35 23.60 12.70 4.53
N ILE B 36 23.51 13.92 5.04
CA ILE B 36 24.68 14.74 5.26
C ILE B 36 24.99 14.90 6.74
N ASP B 37 26.13 14.36 7.15
CA ASP B 37 26.57 14.45 8.53
C ASP B 37 27.34 15.75 8.71
N VAL B 38 26.82 16.66 9.53
CA VAL B 38 27.46 17.96 9.78
C VAL B 38 28.11 18.02 11.16
N ASN B 39 29.05 18.96 11.32
CA ASN B 39 29.75 19.10 12.59
C ASN B 39 28.84 19.70 13.66
N GLN B 40 27.79 20.38 13.22
CA GLN B 40 26.85 21.00 14.14
C GLN B 40 25.91 19.96 14.79
N GLU B 41 25.95 18.74 14.28
CA GLU B 41 25.09 17.66 14.81
C GLU B 41 25.82 16.33 14.94
N LYS B 42 25.67 15.71 16.11
CA LYS B 42 26.29 14.42 16.40
C LYS B 42 25.48 13.28 15.79
N ALA B 43 26.16 12.40 15.07
CA ALA B 43 25.51 11.25 14.45
C ALA B 43 25.05 10.25 15.51
N GLU B 44 23.95 9.55 15.22
CA GLU B 44 23.39 8.57 16.16
C GLU B 44 22.72 7.45 15.35
N GLY B 45 22.35 6.36 16.03
CA GLY B 45 21.70 5.26 15.33
C GLY B 45 22.70 4.38 14.58
N GLU B 46 22.48 3.07 14.64
CA GLU B 46 23.38 2.13 13.98
C GLU B 46 23.25 2.11 12.45
N ALA B 47 24.33 1.78 11.77
CA ALA B 47 24.32 1.70 10.31
C ALA B 47 23.48 0.49 9.92
N LEU B 48 23.50 -0.52 10.79
CA LEU B 48 22.74 -1.74 10.57
C LEU B 48 21.26 -1.42 10.46
N ASP B 49 20.77 -0.53 11.30
CA ASP B 49 19.37 -0.15 11.27
C ASP B 49 18.99 0.57 9.97
N LEU B 50 19.97 1.22 9.34
CA LEU B 50 19.73 1.90 8.08
C LEU B 50 19.56 0.81 7.00
N LEU B 51 20.42 -0.19 7.06
CA LEU B 51 20.38 -1.30 6.11
C LEU B 51 19.08 -2.08 6.21
N ASP B 52 18.62 -2.35 7.44
CA ASP B 52 17.37 -3.10 7.58
C ASP B 52 16.23 -2.26 7.01
N GLY B 53 16.28 -0.95 7.23
CA GLY B 53 15.24 -0.10 6.69
C GLY B 53 15.13 -0.27 5.18
N MET B 54 16.26 -0.12 4.49
CA MET B 54 16.30 -0.28 3.04
C MET B 54 15.90 -1.71 2.64
N ALA B 55 16.48 -2.70 3.31
CA ALA B 55 16.20 -4.10 3.02
C ALA B 55 14.72 -4.48 3.13
N TRP B 56 14.02 -3.90 4.10
CA TRP B 56 12.60 -4.19 4.30
C TRP B 56 11.67 -3.16 3.65
N GLY B 57 12.24 -2.12 3.06
CA GLY B 57 11.42 -1.12 2.40
C GLY B 57 10.89 -1.66 1.09
N GLU B 58 9.60 -1.47 0.83
CA GLU B 58 9.00 -1.96 -0.40
C GLU B 58 9.59 -1.32 -1.67
N LYS B 59 9.92 -0.03 -1.60
CA LYS B 59 10.50 0.63 -2.77
C LYS B 59 12.03 0.65 -2.68
N ASN B 60 12.68 0.43 -3.82
CA ASN B 60 14.13 0.40 -3.86
C ASN B 60 14.73 1.79 -4.01
N VAL B 61 14.98 2.44 -2.88
CA VAL B 61 15.55 3.77 -2.90
C VAL B 61 17.06 3.74 -2.68
N SER B 62 17.77 4.53 -3.47
CA SER B 62 19.22 4.61 -3.33
C SER B 62 19.52 5.59 -2.21
N VAL B 63 20.29 5.12 -1.24
CA VAL B 63 20.65 5.90 -0.07
C VAL B 63 22.16 6.02 0.00
N TRP B 64 22.66 7.12 0.55
CA TRP B 64 24.10 7.27 0.68
C TRP B 64 24.50 8.55 1.41
N SER B 65 25.62 8.51 2.11
CA SER B 65 26.11 9.66 2.85
C SER B 65 26.94 10.51 1.90
N GLY B 66 26.64 11.80 1.84
CA GLY B 66 27.37 12.67 0.94
C GLY B 66 27.75 14.05 1.46
N THR B 67 28.14 14.90 0.51
CA THR B 67 28.58 16.26 0.76
C THR B 67 27.53 17.27 0.29
N TYR B 68 27.65 18.50 0.77
CA TYR B 68 26.72 19.57 0.40
C TYR B 68 26.53 19.74 -1.09
N GLU B 69 27.55 19.40 -1.88
CA GLU B 69 27.43 19.55 -3.33
C GLU B 69 26.27 18.71 -3.86
N GLU B 70 25.88 17.69 -3.11
CA GLU B 70 24.77 16.82 -3.48
C GLU B 70 23.46 17.63 -3.50
N CYS B 71 23.49 18.82 -2.90
CA CYS B 71 22.31 19.68 -2.84
C CYS B 71 22.09 20.49 -4.11
N GLN B 72 23.07 20.46 -5.02
CA GLN B 72 22.96 21.24 -6.25
C GLN B 72 21.79 20.82 -7.12
N ASP B 73 21.61 19.52 -7.32
CA ASP B 73 20.51 19.03 -8.14
C ASP B 73 19.42 18.35 -7.31
N ALA B 74 19.41 18.64 -6.01
CA ALA B 74 18.42 18.08 -5.10
C ALA B 74 17.08 18.81 -5.27
N ASN B 75 15.98 18.08 -5.19
CA ASN B 75 14.69 18.73 -5.32
C ASN B 75 14.23 19.25 -3.97
N LEU B 76 14.68 18.59 -2.92
CA LEU B 76 14.26 18.98 -1.59
C LEU B 76 15.34 18.68 -0.57
N VAL B 77 15.56 19.62 0.34
CA VAL B 77 16.53 19.52 1.41
C VAL B 77 15.81 19.65 2.74
N ILE B 78 16.03 18.68 3.62
CA ILE B 78 15.39 18.66 4.95
C ILE B 78 16.38 19.12 6.02
N LEU B 79 16.08 20.23 6.68
CA LEU B 79 16.95 20.76 7.73
C LEU B 79 16.55 20.12 9.06
N THR B 80 17.48 19.39 9.68
CA THR B 80 17.17 18.70 10.93
C THR B 80 18.13 18.97 12.10
N ALA B 81 19.29 19.53 11.81
CA ALA B 81 20.28 19.79 12.87
C ALA B 81 19.83 20.78 13.93
N GLY B 82 20.26 20.56 15.16
CA GLY B 82 19.90 21.45 16.26
C GLY B 82 19.73 20.73 17.58
N VAL B 83 19.91 21.45 18.68
CA VAL B 83 19.76 20.86 20.00
C VAL B 83 18.28 20.70 20.27
N ASN B 84 17.90 19.56 20.86
CA ASN B 84 16.50 19.28 21.14
C ASN B 84 15.89 20.26 22.13
N GLN B 85 14.72 20.76 21.78
CA GLN B 85 14.02 21.71 22.63
C GLN B 85 13.25 20.92 23.68
N LYS B 86 13.54 21.18 24.95
CA LYS B 86 12.87 20.47 26.05
C LYS B 86 11.66 21.26 26.55
N PRO B 87 10.63 20.55 27.04
CA PRO B 87 9.42 21.21 27.55
C PRO B 87 9.70 22.31 28.57
N GLY B 88 8.86 23.34 28.57
CA GLY B 88 9.04 24.44 29.49
C GLY B 88 9.09 25.79 28.82
N GLN B 89 9.67 26.77 29.50
CA GLN B 89 9.79 28.11 28.96
C GLN B 89 10.87 28.10 27.89
N THR B 90 10.54 28.61 26.71
CA THR B 90 11.43 28.66 25.55
C THR B 90 12.95 28.40 25.70
N ARG B 91 13.65 29.32 26.36
CA ARG B 91 15.10 29.26 26.53
C ARG B 91 15.75 29.89 25.32
N LEU B 92 16.19 31.14 25.48
CA LEU B 92 16.79 31.88 24.40
C LEU B 92 18.12 31.35 23.87
N ASP B 93 18.96 30.78 24.73
CA ASP B 93 20.25 30.28 24.26
C ASP B 93 20.12 29.11 23.29
N LEU B 94 19.09 28.28 23.47
CA LEU B 94 18.89 27.16 22.58
C LEU B 94 18.45 27.69 21.21
N VAL B 95 17.53 28.66 21.22
CA VAL B 95 17.06 29.26 19.99
C VAL B 95 18.26 29.88 19.24
N LYS B 96 19.07 30.67 19.95
CA LYS B 96 20.23 31.32 19.35
C LYS B 96 21.25 30.31 18.80
N THR B 97 21.49 29.23 19.54
CA THR B 97 22.43 28.19 19.12
C THR B 97 21.95 27.58 17.79
N ASN B 98 20.67 27.26 17.74
CA ASN B 98 20.11 26.64 16.56
C ASN B 98 19.93 27.62 15.43
N ALA B 99 19.73 28.91 15.73
CA ALA B 99 19.59 29.88 14.66
C ALA B 99 20.93 29.92 13.94
N THR B 100 21.99 29.93 14.73
CA THR B 100 23.34 29.98 14.21
C THR B 100 23.62 28.74 13.36
N ILE B 101 23.30 27.58 13.91
CA ILE B 101 23.50 26.33 13.22
C ILE B 101 22.71 26.33 11.91
N THR B 102 21.47 26.79 11.96
CA THR B 102 20.63 26.81 10.78
C THR B 102 21.15 27.74 9.69
N ARG B 103 21.57 28.94 10.05
CA ARG B 103 22.07 29.87 9.05
C ARG B 103 23.30 29.32 8.34
N GLN B 104 24.26 28.79 9.11
CA GLN B 104 25.46 28.25 8.52
C GLN B 104 25.16 27.12 7.54
N ILE B 105 24.27 26.21 7.96
CA ILE B 105 23.91 25.09 7.10
C ILE B 105 23.21 25.59 5.85
N VAL B 106 22.24 26.47 6.00
CA VAL B 106 21.52 27.01 4.85
C VAL B 106 22.46 27.73 3.90
N LYS B 107 23.49 28.37 4.46
CA LYS B 107 24.46 29.11 3.68
C LYS B 107 25.25 28.14 2.79
N GLU B 108 25.62 26.99 3.36
CA GLU B 108 26.36 25.96 2.64
C GLU B 108 25.51 25.33 1.53
N VAL B 109 24.23 25.12 1.81
CA VAL B 109 23.32 24.52 0.85
C VAL B 109 23.12 25.41 -0.37
N MET B 110 22.90 26.70 -0.15
CA MET B 110 22.69 27.61 -1.27
C MET B 110 23.94 27.73 -2.14
N ALA B 111 25.11 27.65 -1.50
CA ALA B 111 26.38 27.75 -2.21
C ALA B 111 26.62 26.59 -3.16
N SER B 112 25.89 25.49 -2.96
CA SER B 112 26.06 24.33 -3.82
C SER B 112 25.27 24.51 -5.12
N GLY B 113 24.44 25.54 -5.16
CA GLY B 113 23.64 25.80 -6.35
C GLY B 113 22.22 25.26 -6.23
N PHE B 114 21.81 24.94 -5.00
CA PHE B 114 20.48 24.40 -4.72
C PHE B 114 19.39 25.39 -5.11
N ASP B 115 18.32 24.89 -5.72
CA ASP B 115 17.20 25.73 -6.12
C ASP B 115 15.88 25.00 -5.94
N GLY B 116 15.79 24.13 -4.95
CA GLY B 116 14.55 23.39 -4.75
C GLY B 116 13.69 23.94 -3.63
N ILE B 117 13.18 23.04 -2.79
CA ILE B 117 12.35 23.41 -1.66
C ILE B 117 12.98 22.99 -0.34
N PHE B 118 12.86 23.84 0.66
CA PHE B 118 13.38 23.56 2.01
C PHE B 118 12.22 23.09 2.89
N VAL B 119 12.45 22.05 3.67
CA VAL B 119 11.46 21.59 4.62
C VAL B 119 12.25 21.61 5.92
N VAL B 120 11.79 22.42 6.87
CA VAL B 120 12.47 22.57 8.15
C VAL B 120 11.77 21.78 9.23
N ALA B 121 12.50 20.88 9.88
CA ALA B 121 11.94 20.07 10.95
C ALA B 121 12.68 20.29 12.26
N SER B 122 13.62 21.23 12.27
CA SER B 122 14.38 21.56 13.47
C SER B 122 13.52 22.47 14.35
N ASN B 123 13.81 22.51 15.64
CA ASN B 123 13.06 23.35 16.57
C ASN B 123 13.92 24.48 17.13
N PRO B 124 13.33 25.65 17.43
CA PRO B 124 11.90 26.01 17.28
C PRO B 124 11.59 26.17 15.79
N VAL B 125 10.75 25.27 15.29
CA VAL B 125 10.41 25.22 13.88
C VAL B 125 9.98 26.51 13.19
N ASP B 126 9.02 27.24 13.76
CA ASP B 126 8.55 28.47 13.14
C ASP B 126 9.64 29.51 12.96
N ILE B 127 10.52 29.61 13.96
CA ILE B 127 11.60 30.57 13.91
C ILE B 127 12.67 30.18 12.92
N LEU B 128 13.08 28.91 12.95
CA LEU B 128 14.11 28.43 12.03
C LEU B 128 13.60 28.42 10.59
N THR B 129 12.30 28.39 10.40
CA THR B 129 11.76 28.40 9.05
C THR B 129 11.86 29.85 8.54
N TYR B 130 11.62 30.80 9.44
CA TYR B 130 11.68 32.21 9.08
C TYR B 130 13.13 32.58 8.71
N LEU B 131 14.08 32.05 9.49
CA LEU B 131 15.49 32.35 9.23
C LEU B 131 15.96 31.68 7.94
N THR B 132 15.47 30.47 7.68
CA THR B 132 15.83 29.74 6.49
C THR B 132 15.37 30.54 5.27
N TRP B 133 14.20 31.16 5.38
CA TRP B 133 13.65 31.97 4.32
C TRP B 133 14.57 33.18 4.10
N GLN B 134 14.99 33.83 5.19
CA GLN B 134 15.87 34.99 5.11
C GLN B 134 17.24 34.66 4.54
N GLU B 135 17.86 33.60 5.07
CA GLU B 135 19.18 33.20 4.62
C GLU B 135 19.23 32.72 3.17
N SER B 136 18.26 31.89 2.80
CA SER B 136 18.20 31.31 1.46
C SER B 136 17.86 32.29 0.34
N GLY B 137 16.99 33.24 0.65
CA GLY B 137 16.59 34.21 -0.36
C GLY B 137 15.53 33.62 -1.28
N LEU B 138 15.00 32.45 -0.93
CA LEU B 138 13.97 31.81 -1.74
C LEU B 138 12.59 32.38 -1.45
N PRO B 139 11.62 32.12 -2.33
CA PRO B 139 10.25 32.60 -2.13
C PRO B 139 9.70 31.92 -0.87
N ALA B 140 8.88 32.63 -0.09
CA ALA B 140 8.33 32.07 1.14
C ALA B 140 7.60 30.75 0.92
N SER B 141 6.95 30.60 -0.23
CA SER B 141 6.21 29.38 -0.54
C SER B 141 7.10 28.16 -0.67
N ARG B 142 8.40 28.39 -0.87
CA ARG B 142 9.34 27.30 -1.02
C ARG B 142 10.14 26.95 0.23
N VAL B 143 9.76 27.53 1.35
CA VAL B 143 10.42 27.23 2.62
C VAL B 143 9.29 26.77 3.54
N VAL B 144 9.25 25.45 3.78
CA VAL B 144 8.17 24.86 4.57
C VAL B 144 8.56 24.26 5.90
N GLY B 145 7.94 24.76 6.96
CA GLY B 145 8.20 24.24 8.27
C GLY B 145 7.19 23.14 8.59
N THR B 146 7.59 22.20 9.45
CA THR B 146 6.69 21.11 9.83
C THR B 146 5.49 21.58 10.65
N GLY B 147 5.58 22.78 11.23
CA GLY B 147 4.47 23.33 11.99
C GLY B 147 3.78 22.48 13.06
N THR B 148 2.45 22.45 13.01
CA THR B 148 1.63 21.68 13.96
C THR B 148 1.05 20.41 13.36
N THR B 149 1.73 19.85 12.36
CA THR B 149 1.26 18.64 11.72
C THR B 149 1.21 17.45 12.65
N LEU B 150 2.28 17.24 13.41
CA LEU B 150 2.34 16.13 14.36
C LEU B 150 1.29 16.31 15.45
N ASP B 151 1.19 17.52 15.96
CA ASP B 151 0.24 17.79 17.02
C ASP B 151 -1.19 17.65 16.50
N THR B 152 -1.38 17.98 15.23
CA THR B 152 -2.69 17.87 14.64
C THR B 152 -3.04 16.39 14.50
N THR B 153 -2.08 15.57 14.08
CA THR B 153 -2.33 14.14 13.95
C THR B 153 -2.75 13.58 15.31
N ARG B 154 -2.03 14.01 16.34
CA ARG B 154 -2.28 13.60 17.70
C ARG B 154 -3.66 14.09 18.13
N PHE B 155 -3.94 15.35 17.79
CA PHE B 155 -5.21 16.00 18.08
C PHE B 155 -6.38 15.14 17.60
N ARG B 156 -6.33 14.77 16.32
CA ARG B 156 -7.40 13.97 15.71
C ARG B 156 -7.47 12.57 16.26
N LYS B 157 -6.32 12.01 16.59
CA LYS B 157 -6.25 10.65 17.10
C LYS B 157 -6.93 10.57 18.47
N GLU B 158 -6.65 11.55 19.32
CA GLU B 158 -7.24 11.56 20.65
C GLU B 158 -8.73 11.78 20.53
N ILE B 159 -9.13 12.64 19.61
CA ILE B 159 -10.56 12.90 19.43
C ILE B 159 -11.23 11.61 18.99
N ALA B 160 -10.60 10.89 18.05
CA ALA B 160 -11.13 9.63 17.55
C ALA B 160 -11.36 8.63 18.69
N LEU B 161 -10.30 8.34 19.45
CA LEU B 161 -10.34 7.41 20.58
C LEU B 161 -11.45 7.76 21.55
N LYS B 162 -11.60 9.04 21.83
CA LYS B 162 -12.63 9.50 22.74
C LYS B 162 -14.05 9.20 22.23
N LEU B 163 -14.27 9.38 20.93
CA LEU B 163 -15.60 9.14 20.36
C LEU B 163 -15.73 7.78 19.67
N ALA B 164 -14.70 6.95 19.83
CA ALA B 164 -14.68 5.61 19.23
C ALA B 164 -14.91 5.60 17.71
N VAL B 165 -14.28 6.52 17.01
CA VAL B 165 -14.42 6.59 15.55
C VAL B 165 -13.05 6.58 14.89
N ASP B 166 -13.06 6.38 13.58
CA ASP B 166 -11.83 6.35 12.79
C ASP B 166 -11.28 7.75 12.53
N PRO B 167 -9.99 7.96 12.85
CA PRO B 167 -9.26 9.22 12.70
C PRO B 167 -9.53 9.96 11.39
N ARG B 168 -9.69 9.22 10.29
CA ARG B 168 -9.93 9.83 9.00
C ARG B 168 -11.28 10.53 8.94
N SER B 169 -12.15 10.23 9.89
CA SER B 169 -13.47 10.85 9.92
C SER B 169 -13.38 12.18 10.66
N VAL B 170 -12.25 12.42 11.30
CA VAL B 170 -12.01 13.65 12.04
C VAL B 170 -11.18 14.64 11.25
N HIS B 171 -11.64 15.89 11.21
CA HIS B 171 -10.94 16.97 10.53
C HIS B 171 -10.87 18.12 11.51
N GLY B 172 -9.68 18.68 11.69
CA GLY B 172 -9.51 19.77 12.62
C GLY B 172 -8.05 20.13 12.67
N TYR B 173 -7.71 21.25 13.30
CA TYR B 173 -6.32 21.64 13.36
C TYR B 173 -5.90 22.33 14.64
N ILE B 174 -4.60 22.17 14.92
CA ILE B 174 -3.95 22.84 16.02
C ILE B 174 -3.33 24.01 15.26
N LEU B 175 -3.54 25.23 15.72
CA LEU B 175 -2.99 26.38 15.02
C LEU B 175 -1.85 27.04 15.78
N GLY B 176 -1.05 27.81 15.05
CA GLY B 176 0.05 28.55 15.64
C GLY B 176 1.37 27.82 15.84
N GLU B 177 2.11 28.20 16.87
CA GLU B 177 3.38 27.58 17.19
C GLU B 177 3.12 26.38 18.08
N HIS B 178 3.52 25.19 17.62
CA HIS B 178 3.26 23.99 18.41
C HIS B 178 4.00 24.05 19.74
N GLY B 179 3.25 23.80 20.80
CA GLY B 179 3.79 23.84 22.14
C GLY B 179 2.69 24.33 23.08
N ASP B 180 3.08 24.77 24.27
CA ASP B 180 2.10 25.24 25.25
C ASP B 180 1.20 26.40 24.78
N SER B 181 1.61 27.13 23.74
CA SER B 181 0.75 28.22 23.27
C SER B 181 -0.08 27.89 22.02
N GLU B 182 -0.04 26.64 21.56
CA GLU B 182 -0.82 26.25 20.38
C GLU B 182 -2.33 26.31 20.64
N VAL B 183 -3.07 26.59 19.58
CA VAL B 183 -4.51 26.72 19.68
C VAL B 183 -5.30 25.61 19.02
N ALA B 184 -6.09 24.88 19.80
CA ALA B 184 -6.92 23.80 19.26
C ALA B 184 -8.17 24.46 18.68
N ALA B 185 -8.28 24.50 17.36
CA ALA B 185 -9.43 25.14 16.72
C ALA B 185 -10.71 24.29 16.75
N TRP B 186 -11.31 24.18 17.94
CA TRP B 186 -12.55 23.41 18.09
C TRP B 186 -13.68 23.88 17.16
N SER B 187 -13.77 25.18 16.95
CA SER B 187 -14.81 25.74 16.10
C SER B 187 -14.79 25.14 14.68
N HIS B 188 -13.65 24.59 14.27
CA HIS B 188 -13.56 23.98 12.95
C HIS B 188 -13.02 22.58 12.98
N THR B 189 -13.55 21.82 13.92
CA THR B 189 -13.18 20.43 14.08
C THR B 189 -14.46 19.64 13.94
N THR B 190 -14.47 18.67 13.03
CA THR B 190 -15.66 17.86 12.80
C THR B 190 -15.39 16.38 12.90
N VAL B 191 -16.46 15.64 13.19
CA VAL B 191 -16.39 14.18 13.31
C VAL B 191 -17.50 13.68 12.42
N GLY B 192 -17.13 13.13 11.27
CA GLY B 192 -18.13 12.65 10.33
C GLY B 192 -18.96 13.82 9.83
N GLY B 193 -18.40 15.02 9.89
CA GLY B 193 -19.11 16.20 9.43
C GLY B 193 -19.82 16.94 10.54
N LYS B 194 -19.91 16.33 11.72
CA LYS B 194 -20.59 16.97 12.83
C LYS B 194 -19.64 17.82 13.67
N PRO B 195 -19.97 19.11 13.84
CA PRO B 195 -19.14 20.01 14.63
C PRO B 195 -18.95 19.42 16.03
N ILE B 196 -17.69 19.31 16.44
CA ILE B 196 -17.36 18.75 17.74
C ILE B 196 -18.10 19.54 18.83
N MET B 197 -18.35 20.81 18.56
CA MET B 197 -19.03 21.66 19.52
C MET B 197 -20.47 21.20 19.81
N GLU B 198 -21.15 20.64 18.82
CA GLU B 198 -22.52 20.16 19.02
C GLU B 198 -22.49 19.07 20.10
N TYR B 199 -21.51 18.18 20.03
CA TYR B 199 -21.38 17.11 21.00
C TYR B 199 -21.38 17.65 22.43
N VAL B 200 -21.25 18.97 22.56
CA VAL B 200 -21.22 19.62 23.88
C VAL B 200 -22.44 20.51 24.12
N GLU B 201 -22.60 21.49 23.24
CA GLU B 201 -23.69 22.47 23.33
C GLU B 201 -24.98 21.98 22.67
N LYS B 202 -25.34 20.72 22.90
CA LYS B 202 -26.55 20.16 22.30
C LYS B 202 -26.78 18.72 22.72
N ASP B 203 -25.92 17.82 22.26
CA ASP B 203 -26.04 16.40 22.58
C ASP B 203 -25.48 16.03 23.95
N HIS B 204 -24.85 17.00 24.60
CA HIS B 204 -24.26 16.79 25.93
C HIS B 204 -23.53 15.45 26.05
N ARG B 205 -22.91 15.01 24.95
CA ARG B 205 -22.18 13.75 24.96
C ARG B 205 -20.81 13.90 25.60
N LEU B 206 -20.48 15.13 25.99
CA LEU B 206 -19.23 15.46 26.66
C LEU B 206 -19.19 16.97 26.95
N GLU B 207 -18.47 17.35 28.00
CA GLU B 207 -18.40 18.76 28.40
C GLU B 207 -17.08 19.49 28.13
N GLU B 208 -17.11 20.78 28.41
CA GLU B 208 -15.97 21.68 28.23
C GLU B 208 -14.64 21.10 28.72
N ASN B 209 -14.67 20.40 29.85
CA ASN B 209 -13.45 19.82 30.42
C ASN B 209 -12.88 18.67 29.61
N ASP B 210 -13.73 18.01 28.83
CA ASP B 210 -13.25 16.90 28.01
C ASP B 210 -12.31 17.46 26.95
N LEU B 211 -12.61 18.69 26.49
CA LEU B 211 -11.81 19.35 25.47
C LEU B 211 -10.46 19.79 26.03
N THR B 212 -10.48 20.39 27.22
CA THR B 212 -9.28 20.86 27.87
C THR B 212 -8.30 19.70 28.10
N VAL B 213 -8.82 18.61 28.65
CA VAL B 213 -8.02 17.43 28.92
C VAL B 213 -7.35 16.95 27.64
N LEU B 214 -8.11 16.99 26.55
CA LEU B 214 -7.60 16.53 25.27
C LEU B 214 -6.55 17.43 24.64
N ALA B 215 -6.73 18.75 24.73
CA ALA B 215 -5.78 19.68 24.16
C ALA B 215 -4.45 19.62 24.92
N ASP B 216 -4.54 19.47 26.24
CA ASP B 216 -3.33 19.40 27.06
C ASP B 216 -2.58 18.13 26.74
N LYS B 217 -3.31 17.05 26.49
CA LYS B 217 -2.66 15.79 26.16
C LYS B 217 -1.78 16.01 24.95
N VAL B 218 -2.28 16.80 24.01
CA VAL B 218 -1.52 17.08 22.80
C VAL B 218 -0.37 18.02 23.11
N LYS B 219 -0.62 19.04 23.93
CA LYS B 219 0.42 20.00 24.29
C LYS B 219 1.53 19.42 25.15
N ASN B 220 1.20 18.41 25.96
CA ASN B 220 2.19 17.83 26.87
C ASN B 220 3.11 16.80 26.24
N ALA B 221 3.13 16.74 24.91
CA ALA B 221 3.99 15.81 24.20
C ALA B 221 4.57 16.47 22.96
N ALA B 222 4.28 17.76 22.80
CA ALA B 222 4.76 18.52 21.65
C ALA B 222 6.28 18.62 21.59
N TYR B 223 6.96 18.05 22.57
CA TYR B 223 8.42 18.10 22.60
C TYR B 223 9.08 16.80 23.03
N GLU B 224 8.28 15.83 23.46
CA GLU B 224 8.82 14.54 23.91
C GLU B 224 9.66 13.84 22.84
N ILE B 225 10.74 13.19 23.29
CA ILE B 225 11.63 12.47 22.39
C ILE B 225 11.03 11.09 22.10
N ILE B 226 10.78 10.82 20.82
CA ILE B 226 10.17 9.57 20.39
C ILE B 226 11.05 8.34 20.59
N ASP B 227 10.40 7.21 20.88
CA ASP B 227 11.09 5.94 21.07
C ASP B 227 11.70 5.53 19.73
N ARG B 228 12.97 5.16 19.73
CA ARG B 228 13.67 4.75 18.51
C ARG B 228 13.00 3.54 17.85
N LYS B 229 12.38 2.71 18.67
CA LYS B 229 11.70 1.51 18.18
C LYS B 229 10.38 1.88 17.50
N LYS B 230 10.00 3.15 17.65
CA LYS B 230 8.76 3.66 17.07
C LYS B 230 9.04 4.79 16.07
N ALA B 231 10.27 5.29 16.08
CA ALA B 231 10.68 6.38 15.20
C ALA B 231 10.30 6.19 13.73
N THR B 232 10.37 4.96 13.24
CA THR B 232 10.04 4.69 11.84
C THR B 232 8.54 4.81 11.54
N TYR B 233 7.72 4.63 12.58
CA TYR B 233 6.27 4.65 12.42
C TYR B 233 5.53 5.89 12.92
N TYR B 234 6.08 6.57 13.91
CA TYR B 234 5.40 7.74 14.48
C TYR B 234 6.36 8.84 14.92
N GLY B 235 5.86 10.08 14.98
CA GLY B 235 6.68 11.19 15.40
C GLY B 235 7.14 12.12 14.29
N ILE B 236 8.14 12.95 14.60
CA ILE B 236 8.67 13.91 13.64
C ILE B 236 9.01 13.26 12.30
N GLY B 237 9.54 12.04 12.35
CA GLY B 237 9.89 11.35 11.12
C GLY B 237 8.73 11.20 10.17
N MET B 238 7.59 10.73 10.68
CA MET B 238 6.38 10.54 9.89
C MET B 238 5.78 11.84 9.40
N SER B 239 5.70 12.82 10.28
CA SER B 239 5.14 14.12 9.93
C SER B 239 5.92 14.78 8.81
N THR B 240 7.25 14.77 8.93
CA THR B 240 8.10 15.37 7.92
C THR B 240 7.91 14.63 6.60
N THR B 241 7.83 13.30 6.66
CA THR B 241 7.65 12.49 5.46
C THR B 241 6.28 12.76 4.82
N ARG B 242 5.28 13.01 5.65
CA ARG B 242 3.94 13.30 5.14
C ARG B 242 4.01 14.56 4.28
N ILE B 243 4.70 15.57 4.78
CA ILE B 243 4.82 16.82 4.03
C ILE B 243 5.63 16.66 2.76
N VAL B 244 6.76 15.94 2.85
CA VAL B 244 7.62 15.72 1.70
C VAL B 244 6.85 14.99 0.61
N LYS B 245 6.03 14.04 1.04
CA LYS B 245 5.22 13.25 0.12
C LYS B 245 4.19 14.12 -0.61
N ALA B 246 3.52 14.99 0.14
CA ALA B 246 2.52 15.89 -0.42
C ALA B 246 3.14 16.76 -1.51
N ILE B 247 4.39 17.15 -1.31
CA ILE B 247 5.08 17.98 -2.29
C ILE B 247 5.54 17.19 -3.53
N LEU B 248 6.32 16.14 -3.32
CA LEU B 248 6.81 15.37 -4.45
C LEU B 248 5.69 14.84 -5.34
N ASN B 249 4.56 14.46 -4.74
CA ASN B 249 3.43 13.94 -5.49
C ASN B 249 2.42 14.99 -5.91
N ASN B 250 2.74 16.27 -5.69
CA ASN B 250 1.84 17.37 -6.07
C ASN B 250 0.42 17.02 -5.61
N GLU B 251 0.33 16.60 -4.37
CA GLU B 251 -0.89 16.15 -3.72
C GLU B 251 -2.01 17.17 -3.49
N GLN B 252 -1.65 18.41 -3.18
CA GLN B 252 -2.62 19.46 -2.91
C GLN B 252 -3.30 19.13 -1.59
N ALA B 253 -2.54 18.52 -0.69
CA ALA B 253 -3.04 18.16 0.63
C ALA B 253 -3.19 19.41 1.50
N VAL B 254 -4.05 19.32 2.50
CA VAL B 254 -4.23 20.44 3.41
C VAL B 254 -3.47 20.02 4.68
N LEU B 255 -2.34 20.69 4.90
CA LEU B 255 -1.50 20.39 6.05
C LEU B 255 -1.19 21.66 6.85
N PRO B 256 -1.18 21.55 8.18
CA PRO B 256 -0.89 22.69 9.05
C PRO B 256 0.62 22.96 9.17
N VAL B 257 1.28 23.11 8.04
CA VAL B 257 2.72 23.38 8.02
C VAL B 257 2.97 24.84 8.45
N SER B 258 4.22 25.16 8.76
CA SER B 258 4.59 26.53 9.13
C SER B 258 4.53 27.29 7.82
N ALA B 259 3.50 28.11 7.65
CA ALA B 259 3.35 28.85 6.40
C ALA B 259 3.52 30.35 6.65
N TYR B 260 3.94 31.07 5.61
CA TYR B 260 4.14 32.49 5.73
C TYR B 260 2.82 33.24 5.64
N LEU B 261 2.44 33.93 6.72
CA LEU B 261 1.17 34.67 6.69
C LEU B 261 1.34 36.08 6.12
N ASN B 262 0.29 36.54 5.45
CA ASN B 262 0.25 37.86 4.85
C ASN B 262 -1.13 38.45 5.08
N GLY B 263 -1.64 38.33 6.30
CA GLY B 263 -2.94 38.88 6.59
C GLY B 263 -3.94 37.88 7.13
N GLU B 264 -3.83 36.62 6.71
CA GLU B 264 -4.77 35.63 7.21
C GLU B 264 -4.64 35.47 8.73
N TYR B 265 -5.77 35.23 9.38
CA TYR B 265 -5.82 35.08 10.83
C TYR B 265 -5.44 36.38 11.52
N GLY B 266 -5.42 37.46 10.75
CA GLY B 266 -5.08 38.75 11.30
C GLY B 266 -3.62 38.96 11.61
N GLU B 267 -2.74 38.12 11.07
CA GLU B 267 -1.31 38.26 11.33
C GLU B 267 -0.48 38.31 10.04
N GLU B 268 0.70 38.90 10.13
CA GLU B 268 1.57 39.01 8.97
C GLU B 268 3.05 38.93 9.33
N ASP B 269 3.86 38.65 8.31
CA ASP B 269 5.31 38.57 8.42
C ASP B 269 5.85 37.57 9.45
N ILE B 270 5.35 36.34 9.38
CA ILE B 270 5.83 35.25 10.23
C ILE B 270 5.38 33.94 9.66
N PHE B 271 6.11 32.89 10.01
CA PHE B 271 5.73 31.57 9.59
C PHE B 271 5.15 30.94 10.84
N THR B 272 4.00 30.30 10.71
CA THR B 272 3.43 29.61 11.85
C THR B 272 2.45 28.59 11.35
N GLY B 273 2.01 27.71 12.25
CA GLY B 273 1.09 26.65 11.91
C GLY B 273 -0.32 27.02 11.51
N VAL B 274 -0.63 26.78 10.24
CA VAL B 274 -1.96 27.05 9.71
C VAL B 274 -2.27 26.11 8.56
N PRO B 275 -3.55 25.70 8.42
CA PRO B 275 -3.92 24.79 7.33
C PRO B 275 -3.52 25.39 5.98
N SER B 276 -2.70 24.68 5.22
CA SER B 276 -2.20 25.16 3.94
C SER B 276 -2.23 24.06 2.89
N ILE B 277 -2.49 24.47 1.66
CA ILE B 277 -2.52 23.53 0.56
C ILE B 277 -1.09 23.36 0.09
N VAL B 278 -0.58 22.14 0.20
CA VAL B 278 0.79 21.84 -0.18
C VAL B 278 0.88 21.02 -1.47
N ASP B 279 1.65 21.52 -2.43
CA ASP B 279 1.84 20.84 -3.70
C ASP B 279 3.30 20.83 -4.09
N GLU B 280 3.58 20.55 -5.36
CA GLU B 280 4.96 20.46 -5.85
C GLU B 280 5.76 21.76 -5.85
N ASN B 281 5.10 22.88 -5.66
CA ASN B 281 5.78 24.16 -5.60
C ASN B 281 5.82 24.67 -4.16
N GLY B 282 5.51 23.78 -3.22
CA GLY B 282 5.52 24.12 -1.81
C GLY B 282 4.12 24.44 -1.29
N VAL B 283 4.02 25.57 -0.57
CA VAL B 283 2.74 26.02 -0.04
C VAL B 283 2.08 26.90 -1.09
N ARG B 284 0.96 26.45 -1.64
CA ARG B 284 0.26 27.19 -2.67
C ARG B 284 -0.59 28.32 -2.10
N GLU B 285 -1.23 28.05 -0.96
CA GLU B 285 -2.07 29.05 -0.33
C GLU B 285 -2.49 28.60 1.07
N ILE B 286 -2.92 29.57 1.86
CA ILE B 286 -3.35 29.32 3.22
C ILE B 286 -4.87 29.36 3.30
N ILE B 287 -5.45 28.35 3.94
CA ILE B 287 -6.89 28.33 4.11
C ILE B 287 -7.11 29.15 5.36
N ASP B 288 -7.80 30.27 5.23
CA ASP B 288 -8.03 31.13 6.37
C ASP B 288 -9.36 30.79 7.01
N LEU B 289 -9.33 30.04 8.10
CA LEU B 289 -10.55 29.65 8.80
C LEU B 289 -11.11 30.79 9.63
N SER B 290 -12.43 30.87 9.69
CA SER B 290 -13.10 31.90 10.49
C SER B 290 -13.23 31.41 11.92
N ILE B 291 -12.11 31.35 12.63
CA ILE B 291 -12.13 30.91 14.02
C ILE B 291 -12.83 31.92 14.91
N THR B 292 -13.16 31.52 16.14
CA THR B 292 -13.85 32.41 17.06
C THR B 292 -12.93 33.45 17.66
N PRO B 293 -13.49 34.62 18.05
CA PRO B 293 -12.73 35.71 18.64
C PRO B 293 -11.81 35.20 19.75
N GLN B 294 -12.32 34.24 20.52
CA GLN B 294 -11.59 33.65 21.62
C GLN B 294 -10.37 32.90 21.08
N GLU B 295 -10.57 32.13 20.02
CA GLU B 295 -9.48 31.36 19.40
C GLU B 295 -8.48 32.29 18.74
N LYS B 296 -8.98 33.24 17.97
CA LYS B 296 -8.12 34.19 17.28
C LYS B 296 -7.27 34.94 18.30
N ALA B 297 -7.87 35.23 19.46
CA ALA B 297 -7.15 35.92 20.52
C ALA B 297 -6.00 35.05 20.98
N MET B 298 -6.28 33.76 21.19
CA MET B 298 -5.26 32.81 21.62
C MET B 298 -4.18 32.71 20.55
N PHE B 299 -4.60 32.79 19.30
CA PHE B 299 -3.71 32.70 18.15
C PHE B 299 -2.80 33.94 18.10
N HIS B 300 -3.39 35.10 18.38
CA HIS B 300 -2.65 36.36 18.39
C HIS B 300 -1.55 36.31 19.43
N GLN B 301 -1.88 35.78 20.60
CA GLN B 301 -0.92 35.66 21.69
C GLN B 301 0.26 34.77 21.28
N SER B 302 -0.05 33.66 20.62
CA SER B 302 0.96 32.70 20.17
C SER B 302 1.93 33.38 19.22
N VAL B 303 1.40 34.15 18.28
CA VAL B 303 2.22 34.86 17.32
C VAL B 303 3.09 35.92 18.00
N SER B 304 2.51 36.68 18.93
CA SER B 304 3.28 37.70 19.65
C SER B 304 4.48 37.08 20.29
N GLU B 305 4.29 35.93 20.91
CA GLU B 305 5.38 35.24 21.56
C GLU B 305 6.43 34.93 20.51
N LEU B 306 5.99 34.40 19.37
CA LEU B 306 6.89 34.05 18.29
C LEU B 306 7.74 35.23 17.87
N LYS B 307 7.09 36.34 17.51
CA LYS B 307 7.80 37.53 17.09
C LYS B 307 8.78 38.06 18.14
N ALA B 308 8.41 37.97 19.42
CA ALA B 308 9.29 38.43 20.47
C ALA B 308 10.63 37.67 20.42
N VAL B 309 10.56 36.35 20.28
CA VAL B 309 11.77 35.51 20.25
C VAL B 309 12.48 35.59 18.90
N LEU B 310 11.69 35.75 17.84
CA LEU B 310 12.23 35.85 16.49
C LEU B 310 13.07 37.11 16.39
N ASP B 311 12.61 38.17 17.05
CA ASP B 311 13.32 39.44 17.01
C ASP B 311 14.74 39.32 17.55
N THR B 312 15.00 38.32 18.39
CA THR B 312 16.34 38.15 18.96
C THR B 312 17.33 37.46 18.01
N VAL B 313 16.85 36.93 16.90
CA VAL B 313 17.75 36.25 15.96
C VAL B 313 17.54 36.54 14.46
N ARG B 314 16.48 37.27 14.12
CA ARG B 314 16.20 37.58 12.73
C ARG B 314 17.32 38.37 12.06
N LEU B 315 17.60 38.05 10.80
CA LEU B 315 18.64 38.74 10.04
C LEU B 315 18.19 40.15 9.69
N GLU B 316 19.13 41.09 9.61
CA GLU B 316 18.79 42.46 9.28
C GLU B 316 18.79 42.68 7.77
N HIS B 317 19.53 41.83 7.07
CA HIS B 317 19.61 41.92 5.61
C HIS B 317 19.12 40.62 4.97
N HIS B 318 18.08 40.74 4.15
CA HIS B 318 17.49 39.60 3.44
C HIS B 318 18.42 39.22 2.27
N HIS B 319 18.65 37.92 2.09
CA HIS B 319 19.51 37.44 1.01
C HIS B 319 18.78 37.55 -0.34
N MET C 1 -7.04 -25.90 17.03
CA MET C 1 -6.24 -24.72 16.57
C MET C 1 -7.15 -23.59 16.09
N LYS C 2 -7.05 -22.45 16.77
CA LYS C 2 -7.85 -21.27 16.43
C LYS C 2 -7.62 -20.82 14.99
N LYS C 3 -8.71 -20.66 14.23
CA LYS C 3 -8.60 -20.24 12.84
C LYS C 3 -8.88 -18.76 12.56
N THR C 4 -7.97 -18.17 11.78
CA THR C 4 -8.02 -16.77 11.41
C THR C 4 -8.42 -16.51 9.96
N SER C 5 -9.71 -16.62 9.66
CA SER C 5 -10.14 -16.37 8.29
C SER C 5 -11.54 -15.76 8.17
N ARG C 6 -11.69 -14.86 7.22
CA ARG C 6 -12.94 -14.18 6.96
C ARG C 6 -13.55 -14.76 5.70
N LYS C 7 -14.82 -15.17 5.81
CA LYS C 7 -15.52 -15.77 4.69
C LYS C 7 -16.65 -14.86 4.21
N VAL C 8 -16.61 -14.54 2.92
CA VAL C 8 -17.62 -13.70 2.31
C VAL C 8 -18.30 -14.42 1.16
N VAL C 9 -19.62 -14.34 1.11
CA VAL C 9 -20.39 -14.96 0.04
C VAL C 9 -21.04 -13.85 -0.81
N ILE C 10 -20.80 -13.92 -2.11
CA ILE C 10 -21.37 -12.97 -3.06
C ILE C 10 -22.48 -13.67 -3.86
N VAL C 11 -23.74 -13.32 -3.62
CA VAL C 11 -24.83 -13.92 -4.38
C VAL C 11 -25.10 -13.03 -5.60
N GLY C 12 -25.09 -13.65 -6.77
CA GLY C 12 -25.31 -12.92 -7.99
C GLY C 12 -23.94 -12.84 -8.63
N THR C 13 -23.80 -13.40 -9.83
CA THR C 13 -22.52 -13.40 -10.50
C THR C 13 -22.53 -12.63 -11.82
N GLY C 14 -23.39 -11.62 -11.89
CA GLY C 14 -23.47 -10.81 -13.11
C GLY C 14 -22.43 -9.71 -13.08
N PHE C 15 -22.67 -8.62 -13.82
CA PHE C 15 -21.72 -7.51 -13.85
C PHE C 15 -21.35 -6.98 -12.46
N VAL C 16 -22.36 -6.67 -11.66
CA VAL C 16 -22.15 -6.13 -10.33
C VAL C 16 -21.43 -7.10 -9.40
N GLY C 17 -21.96 -8.31 -9.28
CA GLY C 17 -21.35 -9.31 -8.42
C GLY C 17 -19.94 -9.64 -8.84
N THR C 18 -19.72 -9.66 -10.15
CA THR C 18 -18.41 -9.94 -10.71
C THR C 18 -17.44 -8.80 -10.36
N SER C 19 -17.91 -7.56 -10.52
CA SER C 19 -17.08 -6.40 -10.23
C SER C 19 -16.73 -6.31 -8.76
N ILE C 20 -17.68 -6.65 -7.90
CA ILE C 20 -17.42 -6.62 -6.46
C ILE C 20 -16.40 -7.69 -6.12
N ALA C 21 -16.60 -8.88 -6.67
CA ALA C 21 -15.69 -9.99 -6.45
C ALA C 21 -14.25 -9.59 -6.84
N TYR C 22 -14.09 -8.98 -8.01
CA TYR C 22 -12.76 -8.57 -8.46
C TYR C 22 -12.11 -7.56 -7.53
N ALA C 23 -12.89 -6.61 -7.03
CA ALA C 23 -12.35 -5.59 -6.13
C ALA C 23 -11.97 -6.27 -4.82
N MET C 24 -12.78 -7.24 -4.41
CA MET C 24 -12.54 -8.00 -3.19
C MET C 24 -11.21 -8.76 -3.29
N ILE C 25 -11.05 -9.49 -4.38
CA ILE C 25 -9.85 -10.26 -4.62
C ILE C 25 -8.64 -9.34 -4.69
N ASN C 26 -8.77 -8.26 -5.44
CA ASN C 26 -7.70 -7.30 -5.60
C ASN C 26 -7.22 -6.71 -4.28
N GLN C 27 -8.15 -6.44 -3.37
CA GLN C 27 -7.77 -5.86 -2.09
C GLN C 27 -7.51 -6.88 -0.98
N GLY C 28 -7.67 -8.15 -1.32
CA GLY C 28 -7.46 -9.19 -0.32
C GLY C 28 -8.17 -8.84 0.96
N VAL C 29 -9.44 -8.46 0.84
CA VAL C 29 -10.21 -8.09 2.01
C VAL C 29 -10.64 -9.33 2.78
N ALA C 30 -10.96 -10.39 2.06
CA ALA C 30 -11.38 -11.64 2.68
C ALA C 30 -10.45 -12.75 2.22
N ASN C 31 -10.42 -13.85 2.96
CA ASN C 31 -9.55 -14.97 2.59
C ASN C 31 -10.35 -15.99 1.75
N GLU C 32 -11.58 -16.23 2.18
CA GLU C 32 -12.48 -17.14 1.47
C GLU C 32 -13.58 -16.33 0.80
N LEU C 33 -13.60 -16.38 -0.53
CA LEU C 33 -14.58 -15.63 -1.30
C LEU C 33 -15.44 -16.56 -2.16
N VAL C 34 -16.63 -16.92 -1.66
CA VAL C 34 -17.55 -17.81 -2.37
C VAL C 34 -18.51 -17.05 -3.29
N LEU C 35 -18.75 -17.61 -4.47
CA LEU C 35 -19.64 -16.99 -5.46
C LEU C 35 -20.82 -17.87 -5.84
N ILE C 36 -22.01 -17.48 -5.42
CA ILE C 36 -23.21 -18.23 -5.76
C ILE C 36 -23.81 -17.63 -7.02
N ASP C 37 -23.86 -18.42 -8.08
CA ASP C 37 -24.41 -17.98 -9.36
C ASP C 37 -25.91 -18.27 -9.36
N VAL C 38 -26.71 -17.22 -9.54
CA VAL C 38 -28.17 -17.36 -9.55
C VAL C 38 -28.74 -17.98 -10.82
N ASN C 39 -28.86 -17.20 -11.88
CA ASN C 39 -29.41 -17.68 -13.15
C ASN C 39 -29.39 -16.55 -14.18
N GLN C 40 -30.54 -16.33 -14.79
CA GLN C 40 -30.70 -15.26 -15.78
C GLN C 40 -31.35 -14.11 -15.01
N GLU C 41 -31.12 -14.10 -13.70
CA GLU C 41 -31.66 -13.09 -12.80
C GLU C 41 -30.51 -12.23 -12.29
N LYS C 42 -29.48 -12.09 -13.11
CA LYS C 42 -28.31 -11.29 -12.75
C LYS C 42 -27.97 -10.24 -13.80
N ALA C 43 -26.87 -10.46 -14.52
CA ALA C 43 -26.42 -9.54 -15.57
C ALA C 43 -25.25 -10.17 -16.32
N GLU C 44 -25.57 -11.01 -17.30
CA GLU C 44 -24.58 -11.71 -18.13
C GLU C 44 -24.03 -12.94 -17.42
N GLY C 45 -24.05 -14.08 -18.11
CA GLY C 45 -23.55 -15.31 -17.53
C GLY C 45 -22.03 -15.32 -17.47
N LEU C 51 -16.09 -18.54 -12.94
CA LEU C 51 -15.20 -19.59 -12.36
C LEU C 51 -13.76 -19.46 -12.84
N ASP C 52 -13.59 -19.37 -14.15
CA ASP C 52 -12.26 -19.25 -14.75
C ASP C 52 -11.90 -17.80 -15.04
N GLY C 53 -11.53 -17.08 -13.98
CA GLY C 53 -11.17 -15.68 -14.13
C GLY C 53 -10.56 -15.10 -12.87
N MET C 54 -10.44 -15.94 -11.84
CA MET C 54 -9.86 -15.53 -10.57
C MET C 54 -8.43 -16.02 -10.45
N ALA C 55 -7.88 -16.48 -11.57
CA ALA C 55 -6.51 -16.97 -11.62
C ALA C 55 -5.52 -15.81 -11.80
N TRP C 56 -5.47 -14.93 -10.81
CA TRP C 56 -4.55 -13.78 -10.85
C TRP C 56 -4.43 -13.14 -9.49
N GLY C 57 -5.20 -13.65 -8.53
CA GLY C 57 -5.17 -13.11 -7.18
C GLY C 57 -3.76 -12.93 -6.65
N GLU C 58 -3.27 -11.70 -6.70
CA GLU C 58 -1.92 -11.39 -6.22
C GLU C 58 -1.72 -11.84 -4.78
N LYS C 59 -2.67 -11.47 -3.92
CA LYS C 59 -2.60 -11.82 -2.50
C LYS C 59 -3.44 -13.06 -2.19
N ASN C 60 -2.91 -14.22 -2.51
CA ASN C 60 -3.57 -15.52 -2.30
C ASN C 60 -4.92 -15.45 -1.58
N VAL C 61 -5.98 -15.74 -2.33
CA VAL C 61 -7.34 -15.74 -1.82
C VAL C 61 -8.10 -16.87 -2.54
N SER C 62 -8.49 -17.89 -1.78
CA SER C 62 -9.22 -19.02 -2.37
C SER C 62 -10.65 -18.67 -2.74
N VAL C 63 -10.92 -18.68 -4.04
CA VAL C 63 -12.24 -18.37 -4.57
C VAL C 63 -12.86 -19.58 -5.25
N TRP C 64 -14.15 -19.82 -4.99
CA TRP C 64 -14.86 -20.94 -5.61
C TRP C 64 -16.37 -20.70 -5.66
N SER C 65 -17.05 -21.35 -6.60
CA SER C 65 -18.50 -21.19 -6.71
C SER C 65 -19.17 -22.31 -5.92
N GLY C 66 -20.24 -21.97 -5.20
CA GLY C 66 -20.94 -22.97 -4.41
C GLY C 66 -22.42 -22.73 -4.26
N THR C 67 -23.04 -23.45 -3.33
CA THR C 67 -24.48 -23.32 -3.08
C THR C 67 -24.71 -22.47 -1.82
N TYR C 68 -25.97 -22.27 -1.48
CA TYR C 68 -26.30 -21.47 -0.30
C TYR C 68 -25.79 -22.12 0.98
N GLU C 69 -25.13 -23.26 0.84
CA GLU C 69 -24.58 -23.98 1.98
C GLU C 69 -23.48 -23.15 2.62
N GLU C 70 -22.54 -22.67 1.79
CA GLU C 70 -21.42 -21.87 2.25
C GLU C 70 -21.80 -20.73 3.19
N CYS C 71 -23.05 -20.27 3.11
CA CYS C 71 -23.51 -19.16 3.94
C CYS C 71 -23.60 -19.52 5.41
N GLN C 72 -23.62 -20.81 5.72
CA GLN C 72 -23.72 -21.24 7.11
C GLN C 72 -22.59 -20.69 7.97
N ASP C 73 -21.35 -20.87 7.53
CA ASP C 73 -20.19 -20.39 8.29
C ASP C 73 -19.62 -19.09 7.75
N ALA C 74 -20.29 -18.48 6.78
CA ALA C 74 -19.84 -17.22 6.19
C ALA C 74 -20.07 -16.08 7.18
N ASN C 75 -19.17 -15.10 7.18
CA ASN C 75 -19.29 -13.96 8.09
C ASN C 75 -20.17 -12.85 7.53
N LEU C 76 -20.05 -12.64 6.23
CA LEU C 76 -20.81 -11.60 5.57
C LEU C 76 -21.28 -12.07 4.20
N VAL C 77 -22.52 -11.73 3.87
CA VAL C 77 -23.07 -12.10 2.57
C VAL C 77 -23.44 -10.82 1.81
N ILE C 78 -22.98 -10.75 0.56
CA ILE C 78 -23.25 -9.60 -0.30
C ILE C 78 -24.31 -9.97 -1.35
N LEU C 79 -25.41 -9.21 -1.38
CA LEU C 79 -26.49 -9.44 -2.34
C LEU C 79 -26.28 -8.53 -3.55
N THR C 80 -26.17 -9.11 -4.74
CA THR C 80 -25.96 -8.33 -5.96
C THR C 80 -26.90 -8.73 -7.08
N ALA C 81 -27.74 -9.74 -6.84
CA ALA C 81 -28.66 -10.23 -7.86
C ALA C 81 -29.75 -9.23 -8.22
N GLY C 82 -30.39 -9.46 -9.35
CA GLY C 82 -31.45 -8.59 -9.81
C GLY C 82 -31.32 -8.33 -11.29
N VAL C 83 -32.45 -8.01 -11.95
CA VAL C 83 -32.44 -7.75 -13.38
C VAL C 83 -32.53 -6.26 -13.69
N ASN C 84 -32.22 -5.93 -14.94
CA ASN C 84 -32.29 -4.55 -15.39
C ASN C 84 -33.63 -4.34 -16.09
N GLN C 85 -34.07 -3.08 -16.15
CA GLN C 85 -35.33 -2.76 -16.79
C GLN C 85 -35.27 -3.01 -18.30
N LYS C 86 -36.11 -3.93 -18.77
CA LYS C 86 -36.16 -4.25 -20.20
C LYS C 86 -37.19 -3.34 -20.87
N PRO C 87 -37.03 -3.09 -22.18
CA PRO C 87 -37.97 -2.22 -22.91
C PRO C 87 -39.44 -2.62 -22.73
N GLY C 88 -40.26 -1.63 -22.33
CA GLY C 88 -41.67 -1.89 -22.12
C GLY C 88 -42.05 -2.03 -20.66
N GLN C 89 -41.28 -2.84 -19.93
CA GLN C 89 -41.53 -3.06 -18.52
C GLN C 89 -41.57 -1.73 -17.77
N THR C 90 -42.49 -1.62 -16.81
CA THR C 90 -42.61 -0.39 -16.04
C THR C 90 -41.62 -0.41 -14.88
N ARG C 91 -41.26 0.77 -14.38
CA ARG C 91 -40.34 0.86 -13.26
C ARG C 91 -40.88 0.03 -12.10
N LEU C 92 -42.15 0.24 -11.79
CA LEU C 92 -42.81 -0.48 -10.72
C LEU C 92 -42.70 -1.99 -10.91
N ASP C 93 -42.90 -2.46 -12.13
CA ASP C 93 -42.80 -3.89 -12.36
C ASP C 93 -41.37 -4.38 -12.13
N LEU C 94 -40.40 -3.51 -12.42
CA LEU C 94 -38.99 -3.85 -12.21
C LEU C 94 -38.72 -4.00 -10.71
N VAL C 95 -39.28 -3.09 -9.92
CA VAL C 95 -39.11 -3.11 -8.48
C VAL C 95 -39.68 -4.41 -7.92
N LYS C 96 -40.86 -4.79 -8.40
CA LYS C 96 -41.48 -6.03 -7.95
C LYS C 96 -40.65 -7.23 -8.34
N THR C 97 -40.10 -7.22 -9.55
CA THR C 97 -39.28 -8.32 -10.04
C THR C 97 -38.10 -8.57 -9.10
N ASN C 98 -37.28 -7.55 -8.91
CA ASN C 98 -36.11 -7.67 -8.06
C ASN C 98 -36.46 -7.88 -6.60
N ALA C 99 -37.60 -7.37 -6.15
CA ALA C 99 -37.99 -7.56 -4.76
C ALA C 99 -38.25 -9.06 -4.51
N THR C 100 -38.91 -9.69 -5.47
CA THR C 100 -39.23 -11.11 -5.38
C THR C 100 -37.95 -11.96 -5.44
N ILE C 101 -37.05 -11.60 -6.34
CA ILE C 101 -35.79 -12.33 -6.49
C ILE C 101 -34.97 -12.28 -5.20
N THR C 102 -34.67 -11.06 -4.76
CA THR C 102 -33.91 -10.84 -3.54
C THR C 102 -34.54 -11.54 -2.34
N ARG C 103 -35.85 -11.43 -2.22
CA ARG C 103 -36.57 -12.06 -1.11
C ARG C 103 -36.38 -13.58 -1.12
N GLN C 104 -36.44 -14.18 -2.30
CA GLN C 104 -36.27 -15.62 -2.41
C GLN C 104 -34.84 -15.97 -2.00
N ILE C 105 -33.88 -15.18 -2.46
CA ILE C 105 -32.47 -15.41 -2.14
C ILE C 105 -32.23 -15.37 -0.63
N VAL C 106 -32.70 -14.30 0.02
CA VAL C 106 -32.52 -14.15 1.47
C VAL C 106 -33.11 -15.33 2.23
N LYS C 107 -34.24 -15.85 1.73
CA LYS C 107 -34.89 -16.98 2.36
C LYS C 107 -33.93 -18.17 2.33
N GLU C 108 -33.33 -18.41 1.17
CA GLU C 108 -32.38 -19.50 1.01
C GLU C 108 -31.24 -19.30 1.99
N VAL C 109 -30.50 -18.21 1.80
CA VAL C 109 -29.36 -17.86 2.65
C VAL C 109 -29.64 -18.08 4.14
N MET C 110 -30.83 -17.71 4.61
CA MET C 110 -31.16 -17.91 6.01
C MET C 110 -31.43 -19.37 6.38
N ALA C 111 -31.96 -20.13 5.43
CA ALA C 111 -32.28 -21.54 5.66
C ALA C 111 -31.04 -22.40 5.89
N SER C 112 -29.89 -21.94 5.39
CA SER C 112 -28.63 -22.66 5.57
C SER C 112 -28.15 -22.51 7.01
N GLY C 113 -28.71 -21.54 7.72
CA GLY C 113 -28.31 -21.31 9.10
C GLY C 113 -27.37 -20.13 9.24
N PHE C 114 -27.25 -19.34 8.17
CA PHE C 114 -26.40 -18.14 8.15
C PHE C 114 -26.73 -17.26 9.35
N ASP C 115 -25.71 -16.59 9.89
CA ASP C 115 -25.92 -15.70 11.02
C ASP C 115 -24.85 -14.61 11.04
N GLY C 116 -24.49 -14.13 9.86
CA GLY C 116 -23.48 -13.10 9.75
C GLY C 116 -24.03 -11.71 9.52
N ILE C 117 -23.53 -11.05 8.49
CA ILE C 117 -23.98 -9.70 8.15
C ILE C 117 -24.31 -9.57 6.67
N PHE C 118 -25.38 -8.83 6.41
CA PHE C 118 -25.83 -8.58 5.04
C PHE C 118 -25.37 -7.21 4.54
N VAL C 119 -24.89 -7.21 3.31
CA VAL C 119 -24.48 -6.00 2.61
C VAL C 119 -25.21 -6.09 1.27
N VAL C 120 -26.20 -5.21 1.11
CA VAL C 120 -27.04 -5.14 -0.09
C VAL C 120 -26.49 -4.14 -1.12
N ALA C 121 -26.15 -4.66 -2.30
CA ALA C 121 -25.62 -3.84 -3.37
C ALA C 121 -26.59 -3.77 -4.55
N SER C 122 -27.68 -4.52 -4.45
CA SER C 122 -28.69 -4.57 -5.50
C SER C 122 -29.55 -3.30 -5.57
N ASN C 123 -30.05 -2.96 -6.75
CA ASN C 123 -30.89 -1.79 -6.91
C ASN C 123 -32.34 -2.17 -7.22
N PRO C 124 -33.30 -1.43 -6.66
CA PRO C 124 -33.17 -0.28 -5.76
C PRO C 124 -32.62 -0.66 -4.38
N VAL C 125 -31.46 -0.12 -4.05
CA VAL C 125 -30.80 -0.46 -2.81
C VAL C 125 -31.56 -0.27 -1.50
N ASP C 126 -32.13 0.90 -1.28
CA ASP C 126 -32.84 1.16 -0.03
C ASP C 126 -34.02 0.22 0.18
N ILE C 127 -34.79 -0.01 -0.90
CA ILE C 127 -35.94 -0.90 -0.84
C ILE C 127 -35.49 -2.33 -0.53
N LEU C 128 -34.57 -2.83 -1.34
CA LEU C 128 -34.08 -4.19 -1.17
C LEU C 128 -33.42 -4.43 0.19
N THR C 129 -32.76 -3.39 0.71
CA THR C 129 -32.12 -3.49 2.02
C THR C 129 -33.22 -3.76 3.05
N TYR C 130 -34.32 -3.04 2.91
CA TYR C 130 -35.47 -3.17 3.81
C TYR C 130 -36.11 -4.56 3.67
N LEU C 131 -36.28 -5.03 2.43
CA LEU C 131 -36.86 -6.36 2.23
C LEU C 131 -35.95 -7.41 2.84
N THR C 132 -34.65 -7.22 2.68
CA THR C 132 -33.69 -8.16 3.23
C THR C 132 -33.86 -8.21 4.75
N TRP C 133 -34.07 -7.05 5.34
CA TRP C 133 -34.24 -6.94 6.79
C TRP C 133 -35.48 -7.73 7.23
N GLN C 134 -36.59 -7.49 6.55
CA GLN C 134 -37.85 -8.16 6.85
C GLN C 134 -37.78 -9.67 6.71
N GLU C 135 -37.24 -10.13 5.58
CA GLU C 135 -37.14 -11.57 5.33
C GLU C 135 -36.18 -12.28 6.27
N SER C 136 -34.96 -11.76 6.39
CA SER C 136 -33.92 -12.36 7.23
C SER C 136 -34.31 -12.41 8.71
N GLY C 137 -35.02 -11.38 9.15
CA GLY C 137 -35.41 -11.32 10.55
C GLY C 137 -34.25 -10.90 11.44
N LEU C 138 -33.14 -10.52 10.83
CA LEU C 138 -31.96 -10.09 11.58
C LEU C 138 -32.10 -8.66 12.06
N PRO C 139 -31.23 -8.23 13.00
CA PRO C 139 -31.28 -6.85 13.52
C PRO C 139 -30.88 -5.89 12.39
N ALA C 140 -31.54 -4.74 12.34
CA ALA C 140 -31.31 -3.74 11.29
C ALA C 140 -29.83 -3.40 11.09
N SER C 141 -29.11 -3.33 12.20
CA SER C 141 -27.68 -3.03 12.18
C SER C 141 -26.85 -4.09 11.46
N ARG C 142 -27.44 -5.25 11.18
CA ARG C 142 -26.73 -6.33 10.51
C ARG C 142 -27.09 -6.47 9.03
N VAL C 143 -27.89 -5.54 8.52
CA VAL C 143 -28.28 -5.54 7.11
C VAL C 143 -27.84 -4.15 6.61
N VAL C 144 -26.83 -4.15 5.75
CA VAL C 144 -26.27 -2.90 5.28
C VAL C 144 -26.31 -2.68 3.77
N GLY C 145 -27.02 -1.64 3.37
CA GLY C 145 -27.09 -1.32 1.96
C GLY C 145 -25.98 -0.34 1.64
N THR C 146 -25.60 -0.28 0.37
CA THR C 146 -24.55 0.62 -0.08
C THR C 146 -24.87 2.10 0.00
N GLY C 147 -26.14 2.43 0.27
CA GLY C 147 -26.58 3.81 0.38
C GLY C 147 -26.05 4.75 -0.69
N THR C 148 -25.58 5.91 -0.26
CA THR C 148 -25.04 6.90 -1.18
C THR C 148 -23.50 6.96 -1.09
N THR C 149 -22.88 5.83 -0.78
CA THR C 149 -21.42 5.75 -0.66
C THR C 149 -20.75 6.17 -1.96
N LEU C 150 -21.22 5.59 -3.07
CA LEU C 150 -20.66 5.89 -4.37
C LEU C 150 -20.86 7.35 -4.75
N ASP C 151 -22.09 7.83 -4.60
CA ASP C 151 -22.41 9.21 -4.94
C ASP C 151 -21.57 10.18 -4.14
N THR C 152 -21.43 9.90 -2.85
CA THR C 152 -20.64 10.73 -1.96
C THR C 152 -19.18 10.81 -2.40
N THR C 153 -18.62 9.70 -2.82
CA THR C 153 -17.22 9.70 -3.24
C THR C 153 -17.05 10.57 -4.48
N ARG C 154 -18.03 10.53 -5.37
CA ARG C 154 -18.00 11.33 -6.60
C ARG C 154 -18.16 12.78 -6.22
N PHE C 155 -19.10 13.03 -5.30
CA PHE C 155 -19.41 14.35 -4.80
C PHE C 155 -18.14 15.03 -4.30
N ARG C 156 -17.38 14.33 -3.46
CA ARG C 156 -16.14 14.88 -2.90
C ARG C 156 -15.05 15.09 -3.95
N LYS C 157 -14.93 14.14 -4.87
CA LYS C 157 -13.92 14.26 -5.90
C LYS C 157 -14.22 15.48 -6.77
N GLU C 158 -15.48 15.62 -7.15
CA GLU C 158 -15.90 16.73 -7.98
C GLU C 158 -15.62 18.05 -7.27
N ILE C 159 -15.88 18.10 -5.97
CA ILE C 159 -15.61 19.31 -5.22
C ILE C 159 -14.09 19.54 -5.18
N ALA C 160 -13.34 18.45 -5.01
CA ALA C 160 -11.89 18.52 -4.93
C ALA C 160 -11.32 19.07 -6.23
N LEU C 161 -11.84 18.59 -7.36
CA LEU C 161 -11.38 19.03 -8.68
C LEU C 161 -11.65 20.50 -8.91
N LYS C 162 -12.81 20.96 -8.47
CA LYS C 162 -13.17 22.34 -8.66
C LYS C 162 -12.28 23.29 -7.87
N LEU C 163 -11.84 22.88 -6.69
CA LEU C 163 -11.01 23.73 -5.84
C LEU C 163 -9.52 23.39 -5.87
N ALA C 164 -9.16 22.40 -6.67
CA ALA C 164 -7.76 22.01 -6.79
C ALA C 164 -7.15 21.56 -5.44
N VAL C 165 -7.84 20.66 -4.76
CA VAL C 165 -7.33 20.12 -3.50
C VAL C 165 -7.49 18.62 -3.50
N ASP C 166 -6.78 17.97 -2.58
CA ASP C 166 -6.87 16.53 -2.43
C ASP C 166 -8.25 16.21 -1.83
N PRO C 167 -8.97 15.24 -2.42
CA PRO C 167 -10.29 14.89 -1.91
C PRO C 167 -10.29 14.46 -0.44
N ARG C 168 -9.17 13.93 0.02
CA ARG C 168 -9.09 13.53 1.41
C ARG C 168 -9.35 14.75 2.30
N SER C 169 -9.15 15.96 1.76
CA SER C 169 -9.36 17.17 2.55
C SER C 169 -10.81 17.63 2.53
N VAL C 170 -11.63 16.91 1.77
CA VAL C 170 -13.05 17.24 1.64
C VAL C 170 -13.96 16.28 2.44
N HIS C 171 -14.87 16.87 3.22
CA HIS C 171 -15.82 16.08 3.99
C HIS C 171 -17.23 16.59 3.77
N GLY C 172 -18.09 15.70 3.32
CA GLY C 172 -19.47 16.03 3.05
C GLY C 172 -20.20 14.78 2.60
N TYR C 173 -21.51 14.89 2.46
CA TYR C 173 -22.30 13.75 2.07
C TYR C 173 -23.47 14.05 1.19
N ILE C 174 -23.91 13.01 0.51
CA ILE C 174 -25.10 13.05 -0.30
C ILE C 174 -26.00 12.24 0.64
N LEU C 175 -27.20 12.72 0.90
CA LEU C 175 -28.09 12.01 1.81
C LEU C 175 -29.33 11.47 1.09
N GLY C 176 -29.95 10.46 1.68
CA GLY C 176 -31.16 9.88 1.12
C GLY C 176 -30.97 8.75 0.13
N GLU C 177 -31.84 8.72 -0.88
CA GLU C 177 -31.79 7.70 -1.92
C GLU C 177 -31.04 8.30 -3.10
N HIS C 178 -30.04 7.59 -3.62
CA HIS C 178 -29.29 8.15 -4.74
C HIS C 178 -30.07 8.20 -6.04
N GLY C 179 -30.51 9.40 -6.37
CA GLY C 179 -31.27 9.62 -7.59
C GLY C 179 -31.52 11.10 -7.76
N ASP C 180 -32.67 11.48 -8.29
CA ASP C 180 -32.99 12.89 -8.47
C ASP C 180 -33.51 13.53 -7.19
N SER C 181 -33.70 12.70 -6.16
CA SER C 181 -34.20 13.19 -4.89
C SER C 181 -33.09 13.27 -3.84
N GLU C 182 -31.92 12.71 -4.16
CA GLU C 182 -30.79 12.74 -3.23
C GLU C 182 -30.52 14.17 -2.79
N VAL C 183 -29.95 14.31 -1.59
CA VAL C 183 -29.70 15.63 -1.06
C VAL C 183 -28.23 15.91 -0.81
N ALA C 184 -27.71 16.93 -1.48
CA ALA C 184 -26.34 17.33 -1.32
C ALA C 184 -26.32 18.20 -0.07
N ALA C 185 -25.75 17.68 1.02
CA ALA C 185 -25.72 18.44 2.28
C ALA C 185 -24.57 19.45 2.36
N TRP C 186 -24.71 20.55 1.65
CA TRP C 186 -23.68 21.60 1.62
C TRP C 186 -23.39 22.18 2.99
N SER C 187 -24.43 22.29 3.82
CA SER C 187 -24.27 22.84 5.17
C SER C 187 -23.19 22.16 5.99
N HIS C 188 -22.95 20.88 5.72
CA HIS C 188 -21.93 20.17 6.47
C HIS C 188 -20.88 19.56 5.54
N THR C 189 -20.47 20.36 4.58
CA THR C 189 -19.44 19.97 3.62
C THR C 189 -18.31 20.97 3.85
N THR C 190 -17.10 20.47 4.07
CA THR C 190 -15.97 21.33 4.31
C THR C 190 -14.75 20.95 3.49
N VAL C 191 -13.91 21.95 3.23
CA VAL C 191 -12.69 21.76 2.48
C VAL C 191 -11.57 22.26 3.37
N GLY C 192 -10.68 21.36 3.77
CA GLY C 192 -9.61 21.79 4.67
C GLY C 192 -10.21 22.37 5.93
N GLY C 193 -11.40 21.90 6.30
CA GLY C 193 -12.04 22.38 7.52
C GLY C 193 -12.89 23.63 7.30
N LYS C 194 -12.84 24.18 6.09
CA LYS C 194 -13.60 25.38 5.79
C LYS C 194 -14.97 25.04 5.17
N PRO C 195 -16.06 25.50 5.81
CA PRO C 195 -17.41 25.25 5.28
C PRO C 195 -17.50 25.75 3.84
N ILE C 196 -17.98 24.89 2.95
CA ILE C 196 -18.09 25.21 1.54
C ILE C 196 -18.94 26.46 1.29
N MET C 197 -19.86 26.74 2.20
CA MET C 197 -20.71 27.91 2.07
C MET C 197 -19.93 29.21 2.18
N GLU C 198 -18.83 29.20 2.92
CA GLU C 198 -18.01 30.39 3.08
C GLU C 198 -17.33 30.78 1.77
N TYR C 199 -16.97 29.80 0.96
CA TYR C 199 -16.34 30.10 -0.32
C TYR C 199 -17.34 30.86 -1.17
N VAL C 200 -18.59 30.83 -0.73
CA VAL C 200 -19.67 31.51 -1.44
C VAL C 200 -20.13 32.79 -0.72
N GLU C 201 -20.54 32.63 0.53
CA GLU C 201 -21.05 33.73 1.34
C GLU C 201 -19.99 34.50 2.14
N LYS C 202 -18.80 34.69 1.57
CA LYS C 202 -17.76 35.43 2.27
C LYS C 202 -16.53 35.72 1.41
N ASP C 203 -16.09 34.71 0.66
CA ASP C 203 -14.94 34.87 -0.20
C ASP C 203 -15.40 35.07 -1.62
N HIS C 204 -16.67 34.72 -1.86
CA HIS C 204 -17.26 34.84 -3.19
C HIS C 204 -16.36 34.20 -4.24
N ARG C 205 -15.69 33.10 -3.86
CA ARG C 205 -14.83 32.40 -4.80
C ARG C 205 -15.64 31.32 -5.50
N LEU C 206 -16.90 31.20 -5.10
CA LEU C 206 -17.83 30.24 -5.67
C LEU C 206 -19.23 30.82 -5.56
N GLU C 207 -20.07 30.55 -6.55
CA GLU C 207 -21.45 31.03 -6.53
C GLU C 207 -22.44 29.88 -6.43
N GLU C 208 -23.71 30.21 -6.28
CA GLU C 208 -24.76 29.20 -6.18
C GLU C 208 -24.76 28.23 -7.34
N ASN C 209 -24.73 28.77 -8.56
CA ASN C 209 -24.74 27.93 -9.75
C ASN C 209 -23.63 26.89 -9.73
N ASP C 210 -22.50 27.22 -9.12
CA ASP C 210 -21.39 26.28 -9.04
C ASP C 210 -21.77 25.03 -8.25
N LEU C 211 -22.50 25.22 -7.16
CA LEU C 211 -22.94 24.10 -6.32
C LEU C 211 -23.98 23.27 -7.07
N THR C 212 -24.95 23.95 -7.66
CA THR C 212 -26.02 23.28 -8.39
C THR C 212 -25.48 22.41 -9.52
N VAL C 213 -24.49 22.91 -10.24
CA VAL C 213 -23.87 22.16 -11.33
C VAL C 213 -23.18 20.93 -10.76
N LEU C 214 -22.47 21.14 -9.65
CA LEU C 214 -21.76 20.07 -8.98
C LEU C 214 -22.77 19.02 -8.51
N ALA C 215 -23.78 19.46 -7.76
CA ALA C 215 -24.80 18.56 -7.25
C ALA C 215 -25.53 17.84 -8.38
N ASP C 216 -25.67 18.50 -9.53
CA ASP C 216 -26.34 17.88 -10.65
C ASP C 216 -25.46 16.87 -11.38
N LYS C 217 -24.15 17.08 -11.39
CA LYS C 217 -23.24 16.14 -12.05
C LYS C 217 -23.34 14.81 -11.34
N VAL C 218 -23.39 14.83 -10.01
CA VAL C 218 -23.48 13.62 -9.22
C VAL C 218 -24.88 13.03 -9.38
N LYS C 219 -25.88 13.91 -9.32
CA LYS C 219 -27.28 13.52 -9.44
C LYS C 219 -27.55 12.82 -10.76
N ASN C 220 -27.08 13.40 -11.86
CA ASN C 220 -27.28 12.82 -13.18
C ASN C 220 -26.28 11.72 -13.49
N ALA C 221 -25.45 11.39 -12.52
CA ALA C 221 -24.46 10.33 -12.71
C ALA C 221 -25.05 9.02 -12.23
N ALA C 222 -26.02 9.11 -11.32
CA ALA C 222 -26.69 7.92 -10.78
C ALA C 222 -27.40 7.17 -11.91
N TYR C 223 -27.48 7.81 -13.07
CA TYR C 223 -28.13 7.24 -14.25
C TYR C 223 -27.27 7.50 -15.49
N GLU C 224 -25.94 7.46 -15.34
CA GLU C 224 -25.05 7.72 -16.48
C GLU C 224 -24.28 6.50 -16.98
N ILE C 225 -24.89 5.32 -16.85
CA ILE C 225 -24.27 4.08 -17.29
C ILE C 225 -24.84 3.72 -18.67
N ILE C 226 -24.15 2.87 -19.44
CA ILE C 226 -24.64 2.50 -20.77
C ILE C 226 -24.40 1.05 -21.22
N ASP C 227 -23.45 0.87 -22.15
CA ASP C 227 -23.09 -0.43 -22.74
C ASP C 227 -23.11 -1.71 -21.90
N ARG C 228 -22.85 -1.58 -20.60
CA ARG C 228 -22.82 -2.73 -19.68
C ARG C 228 -21.61 -3.64 -19.83
N LYS C 229 -21.42 -4.24 -21.00
CA LYS C 229 -20.28 -5.13 -21.20
C LYS C 229 -18.99 -4.35 -21.39
N LYS C 230 -19.13 -3.04 -21.59
CA LYS C 230 -17.97 -2.17 -21.77
C LYS C 230 -17.74 -1.29 -20.53
N ALA C 231 -18.71 -1.31 -19.62
CA ALA C 231 -18.61 -0.55 -18.37
C ALA C 231 -17.76 -1.40 -17.42
N THR C 232 -17.09 -0.76 -16.48
CA THR C 232 -16.24 -1.50 -15.55
C THR C 232 -16.90 -1.81 -14.22
N TYR C 233 -17.96 -1.08 -13.89
CA TYR C 233 -18.67 -1.24 -12.61
C TYR C 233 -17.69 -1.05 -11.46
N TYR C 234 -16.61 -0.33 -11.74
CA TYR C 234 -15.57 -0.08 -10.76
C TYR C 234 -16.09 0.67 -9.54
N GLY C 235 -16.89 1.70 -9.79
CA GLY C 235 -17.45 2.47 -8.70
C GLY C 235 -18.22 1.59 -7.73
N ILE C 236 -19.13 0.78 -8.27
CA ILE C 236 -19.92 -0.09 -7.40
C ILE C 236 -19.04 -1.12 -6.70
N GLY C 237 -18.07 -1.65 -7.44
CA GLY C 237 -17.19 -2.65 -6.85
C GLY C 237 -16.43 -2.05 -5.68
N MET C 238 -15.89 -0.85 -5.89
CA MET C 238 -15.12 -0.16 -4.88
C MET C 238 -15.98 0.23 -3.68
N SER C 239 -17.19 0.73 -3.94
CA SER C 239 -18.10 1.15 -2.88
C SER C 239 -18.45 -0.01 -1.95
N THR C 240 -18.91 -1.11 -2.53
CA THR C 240 -19.29 -2.29 -1.76
C THR C 240 -18.10 -2.82 -0.99
N THR C 241 -16.96 -2.94 -1.67
CA THR C 241 -15.75 -3.44 -1.05
C THR C 241 -15.33 -2.55 0.13
N ARG C 242 -15.55 -1.25 -0.01
CA ARG C 242 -15.21 -0.30 1.04
C ARG C 242 -15.97 -0.63 2.32
N ILE C 243 -17.26 -0.87 2.15
CA ILE C 243 -18.12 -1.19 3.28
C ILE C 243 -17.74 -2.54 3.91
N VAL C 244 -17.52 -3.54 3.07
CA VAL C 244 -17.14 -4.87 3.55
C VAL C 244 -15.83 -4.76 4.32
N LYS C 245 -14.92 -3.94 3.80
CA LYS C 245 -13.63 -3.76 4.44
C LYS C 245 -13.74 -3.13 5.81
N ALA C 246 -14.58 -2.11 5.93
CA ALA C 246 -14.75 -1.45 7.21
C ALA C 246 -15.37 -2.39 8.22
N ILE C 247 -16.21 -3.31 7.76
CA ILE C 247 -16.86 -4.25 8.67
C ILE C 247 -15.89 -5.32 9.17
N LEU C 248 -15.24 -6.01 8.23
CA LEU C 248 -14.31 -7.06 8.56
C LEU C 248 -13.11 -6.57 9.34
N ASN C 249 -12.71 -5.32 9.12
CA ASN C 249 -11.57 -4.73 9.83
C ASN C 249 -11.99 -3.90 11.02
N ASN C 250 -13.30 -3.84 11.28
CA ASN C 250 -13.81 -3.08 12.42
C ASN C 250 -13.24 -1.66 12.48
N GLU C 251 -13.24 -0.98 11.32
CA GLU C 251 -12.70 0.38 11.20
C GLU C 251 -13.43 1.49 11.95
N GLN C 252 -14.71 1.30 12.23
CA GLN C 252 -15.48 2.35 12.89
C GLN C 252 -15.43 3.57 11.98
N ALA C 253 -15.52 3.31 10.67
CA ALA C 253 -15.48 4.36 9.66
C ALA C 253 -16.86 4.95 9.46
N VAL C 254 -16.89 6.22 9.02
CA VAL C 254 -18.14 6.91 8.78
C VAL C 254 -18.48 6.82 7.30
N LEU C 255 -19.48 6.01 7.00
CA LEU C 255 -19.94 5.79 5.64
C LEU C 255 -21.43 6.03 5.49
N PRO C 256 -21.83 6.69 4.39
CA PRO C 256 -23.24 6.98 4.13
C PRO C 256 -23.95 5.74 3.58
N VAL C 257 -23.91 4.66 4.34
CA VAL C 257 -24.56 3.41 3.95
C VAL C 257 -26.09 3.49 4.19
N SER C 258 -26.83 2.52 3.68
CA SER C 258 -28.27 2.51 3.91
C SER C 258 -28.49 2.03 5.34
N ALA C 259 -28.78 2.96 6.25
CA ALA C 259 -28.98 2.66 7.65
C ALA C 259 -30.46 2.82 8.04
N TYR C 260 -30.87 2.10 9.08
CA TYR C 260 -32.24 2.13 9.56
C TYR C 260 -32.43 3.35 10.47
N LEU C 261 -33.28 4.29 10.06
CA LEU C 261 -33.51 5.48 10.85
C LEU C 261 -34.61 5.24 11.88
N ASN C 262 -34.47 5.91 13.02
CA ASN C 262 -35.41 5.82 14.14
C ASN C 262 -35.56 7.21 14.71
N GLY C 263 -35.80 8.19 13.85
CA GLY C 263 -35.95 9.54 14.33
C GLY C 263 -34.94 10.52 13.80
N GLU C 264 -33.69 10.09 13.58
CA GLU C 264 -32.71 11.03 13.06
C GLU C 264 -33.15 11.58 11.70
N TYR C 265 -32.92 12.87 11.49
CA TYR C 265 -33.31 13.55 10.25
C TYR C 265 -34.84 13.72 10.17
N GLY C 266 -35.52 13.38 11.27
CA GLY C 266 -36.97 13.51 11.32
C GLY C 266 -37.74 12.41 10.60
N GLU C 267 -37.05 11.32 10.25
CA GLU C 267 -37.70 10.22 9.55
C GLU C 267 -37.56 8.96 10.38
N GLU C 268 -38.25 7.89 9.98
CA GLU C 268 -38.19 6.64 10.73
C GLU C 268 -38.77 5.46 9.95
N ASP C 269 -38.38 4.25 10.39
CA ASP C 269 -38.83 3.00 9.80
C ASP C 269 -38.53 2.83 8.32
N ILE C 270 -37.26 3.03 7.96
CA ILE C 270 -36.77 2.85 6.59
C ILE C 270 -35.25 2.96 6.57
N PHE C 271 -34.64 2.35 5.56
CA PHE C 271 -33.19 2.40 5.39
C PHE C 271 -32.88 3.40 4.27
N THR C 272 -32.00 4.34 4.54
CA THR C 272 -31.61 5.29 3.51
C THR C 272 -30.20 5.81 3.82
N GLY C 273 -29.56 6.39 2.80
CA GLY C 273 -28.21 6.89 2.95
C GLY C 273 -28.03 8.02 3.94
N VAL C 274 -27.31 7.74 5.03
CA VAL C 274 -27.02 8.73 6.06
C VAL C 274 -25.65 8.38 6.61
N PRO C 275 -24.84 9.39 6.99
CA PRO C 275 -23.51 9.05 7.52
C PRO C 275 -23.63 8.16 8.75
N SER C 276 -22.97 7.01 8.69
CA SER C 276 -23.03 6.06 9.79
C SER C 276 -21.68 5.39 10.12
N ILE C 277 -21.51 5.08 11.40
CA ILE C 277 -20.30 4.42 11.87
C ILE C 277 -20.43 2.92 11.64
N VAL C 278 -19.54 2.37 10.82
CA VAL C 278 -19.56 0.97 10.48
C VAL C 278 -18.45 0.21 11.18
N ASP C 279 -18.80 -0.88 11.84
CA ASP C 279 -17.80 -1.71 12.52
C ASP C 279 -18.04 -3.21 12.32
N GLU C 280 -17.36 -4.04 13.10
CA GLU C 280 -17.52 -5.49 12.98
C GLU C 280 -18.94 -5.99 13.27
N ASN C 281 -19.74 -5.15 13.91
CA ASN C 281 -21.10 -5.53 14.20
C ASN C 281 -22.06 -4.90 13.21
N GLY C 282 -21.50 -4.18 12.24
CA GLY C 282 -22.32 -3.53 11.23
C GLY C 282 -22.46 -2.06 11.53
N VAL C 283 -23.68 -1.58 11.58
CA VAL C 283 -23.89 -0.16 11.85
C VAL C 283 -24.11 0.05 13.33
N ARG C 284 -23.18 0.76 13.96
CA ARG C 284 -23.25 1.03 15.38
C ARG C 284 -24.23 2.16 15.69
N GLU C 285 -24.17 3.22 14.91
CA GLU C 285 -25.06 4.35 15.11
C GLU C 285 -25.04 5.27 13.90
N ILE C 286 -25.93 6.25 13.91
CA ILE C 286 -26.05 7.19 12.82
C ILE C 286 -25.69 8.57 13.31
N ILE C 287 -24.86 9.28 12.54
CA ILE C 287 -24.47 10.64 12.87
C ILE C 287 -25.65 11.47 12.37
N ASP C 288 -26.34 12.18 13.26
CA ASP C 288 -27.50 13.01 12.89
C ASP C 288 -27.08 14.47 12.78
N LEU C 289 -26.80 14.89 11.56
CA LEU C 289 -26.37 16.27 11.28
C LEU C 289 -27.51 17.27 11.27
N SER C 290 -27.29 18.41 11.92
CA SER C 290 -28.28 19.47 11.96
C SER C 290 -28.29 20.20 10.62
N ILE C 291 -28.76 19.51 9.59
CA ILE C 291 -28.84 20.10 8.26
C ILE C 291 -29.88 21.20 8.28
N THR C 292 -29.83 22.09 7.28
CA THR C 292 -30.76 23.22 7.19
C THR C 292 -32.18 22.80 6.83
N PRO C 293 -33.18 23.59 7.25
CA PRO C 293 -34.59 23.33 6.97
C PRO C 293 -34.84 22.96 5.50
N GLN C 294 -34.12 23.63 4.59
CA GLN C 294 -34.25 23.38 3.16
C GLN C 294 -33.73 21.98 2.82
N GLU C 295 -32.62 21.59 3.45
CA GLU C 295 -32.04 20.27 3.20
C GLU C 295 -32.92 19.21 3.83
N LYS C 296 -33.39 19.48 5.04
CA LYS C 296 -34.25 18.53 5.73
C LYS C 296 -35.53 18.34 4.93
N ALA C 297 -35.98 19.40 4.28
CA ALA C 297 -37.20 19.33 3.49
C ALA C 297 -37.00 18.42 2.28
N MET C 298 -35.86 18.56 1.61
CA MET C 298 -35.59 17.71 0.46
C MET C 298 -35.43 16.27 0.94
N PHE C 299 -34.79 16.08 2.08
CA PHE C 299 -34.59 14.76 2.64
C PHE C 299 -35.97 14.13 2.86
N HIS C 300 -36.86 14.89 3.48
CA HIS C 300 -38.23 14.45 3.74
C HIS C 300 -38.88 13.96 2.44
N GLN C 301 -38.72 14.76 1.39
CA GLN C 301 -39.28 14.42 0.09
C GLN C 301 -38.72 13.09 -0.43
N SER C 302 -37.42 12.90 -0.26
CA SER C 302 -36.75 11.69 -0.72
C SER C 302 -37.25 10.47 0.05
N VAL C 303 -37.37 10.60 1.36
CA VAL C 303 -37.84 9.48 2.20
C VAL C 303 -39.32 9.18 1.94
N SER C 304 -40.08 10.22 1.63
CA SER C 304 -41.50 10.12 1.35
C SER C 304 -41.75 9.25 0.12
N GLU C 305 -41.02 9.56 -0.95
CA GLU C 305 -41.13 8.82 -2.21
C GLU C 305 -40.63 7.39 -2.00
N LEU C 306 -39.63 7.26 -1.14
CA LEU C 306 -39.04 5.97 -0.83
C LEU C 306 -40.12 5.05 -0.23
N LYS C 307 -40.85 5.56 0.76
CA LYS C 307 -41.90 4.77 1.40
C LYS C 307 -43.04 4.40 0.47
N ALA C 308 -43.40 5.31 -0.44
CA ALA C 308 -44.50 5.04 -1.37
C ALA C 308 -44.19 3.84 -2.24
N VAL C 309 -42.96 3.78 -2.74
CA VAL C 309 -42.57 2.66 -3.59
C VAL C 309 -42.32 1.41 -2.74
N LEU C 310 -41.83 1.59 -1.52
CA LEU C 310 -41.57 0.44 -0.64
C LEU C 310 -42.89 -0.27 -0.34
N ASP C 311 -43.95 0.51 -0.08
CA ASP C 311 -45.27 -0.04 0.23
C ASP C 311 -45.76 -1.02 -0.84
N THR C 312 -45.26 -0.89 -2.05
CA THR C 312 -45.71 -1.78 -3.10
C THR C 312 -45.04 -3.15 -3.06
N VAL C 313 -44.11 -3.34 -2.13
CA VAL C 313 -43.41 -4.63 -2.04
C VAL C 313 -43.08 -5.08 -0.63
N ARG C 314 -43.21 -4.21 0.36
CA ARG C 314 -42.89 -4.58 1.74
C ARG C 314 -43.76 -5.71 2.28
N LEU C 315 -43.15 -6.61 3.05
CA LEU C 315 -43.89 -7.73 3.64
C LEU C 315 -44.96 -7.16 4.57
N GLU C 316 -46.15 -7.76 4.53
CA GLU C 316 -47.28 -7.29 5.33
C GLU C 316 -47.50 -8.04 6.64
N HIS C 317 -48.06 -7.34 7.63
CA HIS C 317 -48.35 -7.92 8.94
C HIS C 317 -47.13 -8.57 9.60
N LYS D 3 12.49 19.65 -11.89
CA LYS D 3 11.51 19.56 -10.76
C LYS D 3 10.87 18.16 -10.74
N THR D 4 9.95 17.93 -9.81
CA THR D 4 9.29 16.62 -9.68
C THR D 4 8.28 16.32 -10.79
N SER D 5 8.79 16.18 -12.01
CA SER D 5 7.97 15.89 -13.18
C SER D 5 7.82 14.39 -13.42
N ARG D 6 6.56 13.94 -13.38
CA ARG D 6 6.20 12.54 -13.58
C ARG D 6 5.01 12.55 -14.55
N LYS D 7 5.24 12.98 -15.77
CA LYS D 7 4.17 13.08 -16.77
C LYS D 7 4.13 11.91 -17.75
N VAL D 8 2.97 11.26 -17.86
CA VAL D 8 2.77 10.15 -18.77
C VAL D 8 1.63 10.43 -19.73
N VAL D 9 1.84 10.16 -21.02
CA VAL D 9 0.82 10.36 -22.04
C VAL D 9 0.44 9.01 -22.64
N ILE D 10 -0.86 8.75 -22.74
CA ILE D 10 -1.34 7.50 -23.32
C ILE D 10 -1.99 7.81 -24.67
N VAL D 11 -1.47 7.23 -25.73
CA VAL D 11 -2.02 7.48 -27.07
C VAL D 11 -2.92 6.32 -27.46
N GLY D 12 -4.20 6.64 -27.65
CA GLY D 12 -5.20 5.64 -28.01
C GLY D 12 -6.13 5.50 -26.82
N THR D 13 -7.40 5.84 -27.02
CA THR D 13 -8.36 5.75 -25.93
C THR D 13 -9.36 4.61 -26.11
N GLY D 14 -8.92 3.52 -26.73
CA GLY D 14 -9.77 2.37 -26.93
C GLY D 14 -9.67 1.48 -25.70
N PHE D 15 -10.00 0.19 -25.84
CA PHE D 15 -9.94 -0.73 -24.71
C PHE D 15 -8.56 -0.80 -24.04
N VAL D 16 -7.53 -1.04 -24.83
CA VAL D 16 -6.19 -1.13 -24.28
C VAL D 16 -5.80 0.18 -23.60
N GLY D 17 -5.92 1.28 -24.34
CA GLY D 17 -5.58 2.58 -23.78
C GLY D 17 -6.28 2.89 -22.47
N THR D 18 -7.60 2.72 -22.42
CA THR D 18 -8.35 3.00 -21.21
C THR D 18 -7.99 2.09 -20.04
N SER D 19 -7.85 0.80 -20.28
CA SER D 19 -7.49 -0.12 -19.19
C SER D 19 -6.12 0.26 -18.64
N ILE D 20 -5.22 0.70 -19.51
CA ILE D 20 -3.92 1.11 -19.03
C ILE D 20 -4.13 2.34 -18.15
N ALA D 21 -5.09 3.18 -18.55
CA ALA D 21 -5.37 4.37 -17.77
C ALA D 21 -5.94 3.98 -16.40
N TYR D 22 -6.88 3.04 -16.40
CA TYR D 22 -7.49 2.61 -15.14
C TYR D 22 -6.45 2.08 -14.18
N ALA D 23 -5.53 1.26 -14.69
CA ALA D 23 -4.48 0.69 -13.86
C ALA D 23 -3.51 1.75 -13.37
N MET D 24 -3.18 2.71 -14.23
CA MET D 24 -2.26 3.79 -13.85
C MET D 24 -2.86 4.63 -12.73
N ILE D 25 -4.12 5.00 -12.88
CA ILE D 25 -4.83 5.79 -11.89
C ILE D 25 -4.92 5.03 -10.56
N ASN D 26 -5.37 3.79 -10.62
CA ASN D 26 -5.50 2.95 -9.44
C ASN D 26 -4.19 2.86 -8.64
N GLN D 27 -3.08 2.64 -9.31
CA GLN D 27 -1.79 2.53 -8.64
C GLN D 27 -1.09 3.87 -8.44
N GLY D 28 -1.63 4.92 -9.05
CA GLY D 28 -1.05 6.23 -8.93
C GLY D 28 0.44 6.26 -9.20
N VAL D 29 0.83 5.87 -10.42
CA VAL D 29 2.23 5.85 -10.80
C VAL D 29 2.72 7.19 -11.33
N ALA D 30 1.86 7.91 -12.03
CA ALA D 30 2.22 9.21 -12.57
C ALA D 30 1.43 10.33 -11.91
N ASN D 31 1.94 11.55 -11.98
CA ASN D 31 1.27 12.70 -11.39
C ASN D 31 0.36 13.29 -12.44
N GLU D 32 0.76 13.12 -13.69
CA GLU D 32 -0.01 13.63 -14.80
C GLU D 32 -0.23 12.50 -15.80
N LEU D 33 -1.49 12.31 -16.16
CA LEU D 33 -1.88 11.28 -17.11
C LEU D 33 -2.70 11.95 -18.21
N VAL D 34 -2.09 12.14 -19.38
CA VAL D 34 -2.77 12.74 -20.51
C VAL D 34 -3.26 11.63 -21.42
N LEU D 35 -4.52 11.71 -21.83
CA LEU D 35 -5.09 10.70 -22.70
C LEU D 35 -5.33 11.33 -24.07
N ILE D 36 -4.69 10.77 -25.11
CA ILE D 36 -4.85 11.29 -26.45
C ILE D 36 -5.72 10.39 -27.33
N ASP D 37 -6.88 10.91 -27.71
CA ASP D 37 -7.82 10.19 -28.58
C ASP D 37 -7.39 10.41 -30.03
N VAL D 38 -7.03 9.34 -30.71
CA VAL D 38 -6.59 9.42 -32.11
C VAL D 38 -7.64 8.93 -33.09
N ASN D 39 -7.56 9.42 -34.32
CA ASN D 39 -8.50 9.05 -35.37
C ASN D 39 -8.32 7.60 -35.81
N GLN D 40 -7.16 7.02 -35.49
CA GLN D 40 -6.85 5.64 -35.86
C GLN D 40 -7.34 4.63 -34.82
N GLU D 41 -8.04 5.12 -33.81
CA GLU D 41 -8.55 4.24 -32.77
C GLU D 41 -9.88 4.76 -32.25
N LYS D 42 -10.88 3.89 -32.19
CA LYS D 42 -12.19 4.27 -31.70
C LYS D 42 -12.18 4.29 -30.18
N ALA D 43 -12.69 5.37 -29.59
CA ALA D 43 -12.74 5.53 -28.14
C ALA D 43 -13.81 4.65 -27.50
N GLU D 44 -13.48 4.07 -26.34
CA GLU D 44 -14.39 3.19 -25.60
C GLU D 44 -14.42 3.53 -24.11
N GLY D 45 -15.30 2.87 -23.37
CA GLY D 45 -15.42 3.10 -21.94
C GLY D 45 -16.06 4.43 -21.58
N GLU D 46 -17.04 4.39 -20.69
CA GLU D 46 -17.73 5.62 -20.27
C GLU D 46 -16.82 6.57 -19.52
N ALA D 47 -17.21 7.85 -19.51
CA ALA D 47 -16.44 8.87 -18.82
C ALA D 47 -16.62 8.72 -17.32
N LEU D 48 -17.73 8.08 -16.93
CA LEU D 48 -18.04 7.85 -15.54
C LEU D 48 -17.04 6.89 -14.90
N ASP D 49 -16.66 5.85 -15.64
CA ASP D 49 -15.69 4.88 -15.12
C ASP D 49 -14.32 5.51 -14.94
N LEU D 50 -14.04 6.57 -15.69
CA LEU D 50 -12.78 7.28 -15.55
C LEU D 50 -12.84 8.12 -14.26
N LEU D 51 -14.00 8.75 -14.05
CA LEU D 51 -14.23 9.57 -12.86
C LEU D 51 -14.17 8.71 -11.59
N ASP D 52 -14.76 7.52 -11.63
CA ASP D 52 -14.74 6.64 -10.46
C ASP D 52 -13.30 6.19 -10.16
N GLY D 53 -12.53 5.93 -11.21
CA GLY D 53 -11.15 5.51 -11.00
C GLY D 53 -10.40 6.57 -10.23
N MET D 54 -10.52 7.82 -10.68
CA MET D 54 -9.86 8.94 -10.02
C MET D 54 -10.41 9.16 -8.62
N ALA D 55 -11.74 9.12 -8.50
CA ALA D 55 -12.40 9.32 -7.21
C ALA D 55 -11.98 8.28 -6.17
N TRP D 56 -11.83 7.03 -6.59
CA TRP D 56 -11.41 5.97 -5.67
C TRP D 56 -9.91 5.71 -5.66
N GLY D 57 -9.15 6.49 -6.44
CA GLY D 57 -7.71 6.31 -6.47
C GLY D 57 -7.08 6.88 -5.21
N GLU D 58 -6.24 6.09 -4.55
CA GLU D 58 -5.59 6.49 -3.31
C GLU D 58 -4.72 7.75 -3.48
N LYS D 59 -4.17 7.94 -4.66
CA LYS D 59 -3.33 9.10 -4.96
C LYS D 59 -4.07 10.08 -5.87
N ASN D 60 -3.82 11.37 -5.67
CA ASN D 60 -4.47 12.41 -6.47
C ASN D 60 -3.69 12.69 -7.74
N VAL D 61 -4.11 12.10 -8.85
CA VAL D 61 -3.42 12.29 -10.11
C VAL D 61 -4.22 13.16 -11.08
N SER D 62 -3.52 14.04 -11.78
CA SER D 62 -4.16 14.94 -12.75
C SER D 62 -4.39 14.17 -14.03
N VAL D 63 -5.64 14.15 -14.49
CA VAL D 63 -6.01 13.44 -15.70
C VAL D 63 -6.77 14.36 -16.64
N TRP D 64 -6.45 14.30 -17.93
CA TRP D 64 -7.15 15.13 -18.89
C TRP D 64 -6.94 14.71 -20.34
N SER D 65 -7.91 15.02 -21.20
CA SER D 65 -7.81 14.68 -22.61
C SER D 65 -7.09 15.81 -23.30
N GLY D 66 -6.04 15.46 -24.05
CA GLY D 66 -5.28 16.48 -24.74
C GLY D 66 -4.87 16.13 -26.15
N THR D 67 -3.93 16.91 -26.67
CA THR D 67 -3.43 16.71 -28.02
C THR D 67 -1.95 16.40 -27.94
N TYR D 68 -1.36 16.03 -29.08
CA TYR D 68 0.05 15.70 -29.14
C TYR D 68 0.99 16.74 -28.53
N GLU D 69 0.55 17.97 -28.38
CA GLU D 69 1.40 18.99 -27.78
C GLU D 69 1.84 18.58 -26.39
N GLU D 70 0.98 17.85 -25.69
CA GLU D 70 1.26 17.38 -24.34
C GLU D 70 2.48 16.46 -24.26
N CYS D 71 2.88 15.92 -25.41
CA CYS D 71 4.02 15.00 -25.44
C CYS D 71 5.37 15.74 -25.39
N GLN D 72 5.33 17.06 -25.54
CA GLN D 72 6.58 17.82 -25.54
C GLN D 72 7.35 17.72 -24.24
N ASP D 73 6.64 17.86 -23.12
CA ASP D 73 7.30 17.78 -21.82
C ASP D 73 6.92 16.50 -21.05
N ALA D 74 6.43 15.51 -21.77
CA ALA D 74 6.04 14.23 -21.16
C ALA D 74 7.27 13.38 -20.90
N ASN D 75 7.27 12.67 -19.78
CA ASN D 75 8.41 11.81 -19.46
C ASN D 75 8.26 10.48 -20.16
N LEU D 76 7.02 10.11 -20.43
CA LEU D 76 6.77 8.83 -21.05
C LEU D 76 5.47 8.84 -21.84
N VAL D 77 5.51 8.20 -23.01
CA VAL D 77 4.36 8.10 -23.89
C VAL D 77 4.09 6.60 -24.10
N ILE D 78 2.83 6.21 -23.90
CA ILE D 78 2.41 4.83 -24.06
C ILE D 78 1.62 4.68 -25.35
N LEU D 79 2.12 3.83 -26.26
CA LEU D 79 1.46 3.60 -27.55
C LEU D 79 0.51 2.41 -27.42
N THR D 80 -0.77 2.64 -27.71
CA THR D 80 -1.80 1.60 -27.57
C THR D 80 -2.75 1.44 -28.75
N ALA D 81 -2.67 2.31 -29.75
CA ALA D 81 -3.57 2.21 -30.90
C ALA D 81 -3.33 0.97 -31.75
N GLY D 82 -4.38 0.50 -32.41
CA GLY D 82 -4.24 -0.68 -33.25
C GLY D 82 -5.38 -1.67 -33.14
N VAL D 83 -5.55 -2.46 -34.20
CA VAL D 83 -6.59 -3.47 -34.22
C VAL D 83 -6.08 -4.62 -33.38
N ASN D 84 -6.98 -5.32 -32.68
CA ASN D 84 -6.57 -6.43 -31.82
C ASN D 84 -6.12 -7.68 -32.56
N GLN D 85 -4.92 -8.15 -32.21
CA GLN D 85 -4.36 -9.34 -32.82
C GLN D 85 -5.07 -10.55 -32.23
N LYS D 86 -5.75 -11.31 -33.08
CA LYS D 86 -6.49 -12.49 -32.65
C LYS D 86 -5.65 -13.77 -32.76
N PRO D 87 -6.05 -14.83 -32.03
CA PRO D 87 -5.31 -16.11 -32.06
C PRO D 87 -5.15 -16.68 -33.45
N GLY D 88 -4.21 -17.61 -33.59
CA GLY D 88 -3.96 -18.24 -34.86
C GLY D 88 -2.64 -17.79 -35.48
N GLN D 89 -2.52 -17.98 -36.78
CA GLN D 89 -1.32 -17.57 -37.49
C GLN D 89 -1.40 -16.07 -37.68
N THR D 90 -0.24 -15.42 -37.73
CA THR D 90 -0.14 -13.97 -37.88
C THR D 90 -0.86 -13.41 -39.12
N ARG D 91 -1.91 -12.62 -38.91
CA ARG D 91 -2.60 -12.00 -40.04
C ARG D 91 -1.73 -10.87 -40.53
N LEU D 92 -1.14 -11.02 -41.71
CA LEU D 92 -0.24 -9.99 -42.20
C LEU D 92 -0.86 -8.60 -42.41
N ASP D 93 -2.11 -8.52 -42.84
CA ASP D 93 -2.72 -7.20 -43.05
C ASP D 93 -2.89 -6.42 -41.73
N LEU D 94 -3.16 -7.14 -40.65
CA LEU D 94 -3.32 -6.51 -39.35
C LEU D 94 -1.97 -5.92 -38.93
N VAL D 95 -0.89 -6.60 -39.29
CA VAL D 95 0.43 -6.11 -38.95
C VAL D 95 0.68 -4.83 -39.74
N LYS D 96 0.38 -4.85 -41.02
CA LYS D 96 0.60 -3.69 -41.86
C LYS D 96 -0.24 -2.51 -41.43
N THR D 97 -1.47 -2.79 -41.01
CA THR D 97 -2.38 -1.75 -40.56
C THR D 97 -1.83 -1.07 -39.31
N ASN D 98 -1.43 -1.89 -38.34
CA ASN D 98 -0.90 -1.35 -37.11
C ASN D 98 0.46 -0.70 -37.29
N ALA D 99 1.27 -1.23 -38.21
CA ALA D 99 2.58 -0.64 -38.47
C ALA D 99 2.35 0.77 -39.00
N THR D 100 1.37 0.93 -39.88
CA THR D 100 1.07 2.24 -40.46
C THR D 100 0.57 3.20 -39.38
N ILE D 101 -0.39 2.74 -38.59
CA ILE D 101 -0.94 3.53 -37.50
C ILE D 101 0.18 3.95 -36.54
N THR D 102 1.01 3.00 -36.14
CA THR D 102 2.11 3.27 -35.24
C THR D 102 3.09 4.33 -35.75
N ARG D 103 3.53 4.18 -37.00
CA ARG D 103 4.45 5.15 -37.56
C ARG D 103 3.87 6.56 -37.59
N GLN D 104 2.61 6.68 -38.01
CA GLN D 104 1.96 8.00 -38.07
C GLN D 104 1.90 8.63 -36.68
N ILE D 105 1.51 7.83 -35.69
CA ILE D 105 1.40 8.32 -34.33
C ILE D 105 2.76 8.76 -33.78
N VAL D 106 3.79 7.96 -34.03
CA VAL D 106 5.12 8.30 -33.55
C VAL D 106 5.65 9.57 -34.21
N LYS D 107 5.28 9.80 -35.47
CA LYS D 107 5.72 11.01 -36.17
C LYS D 107 5.14 12.21 -35.44
N GLU D 108 3.85 12.13 -35.13
CA GLU D 108 3.14 13.19 -34.42
C GLU D 108 3.79 13.46 -33.06
N VAL D 109 4.16 12.39 -32.35
CA VAL D 109 4.76 12.52 -31.05
C VAL D 109 6.12 13.21 -31.09
N MET D 110 7.00 12.75 -31.98
CA MET D 110 8.32 13.35 -32.09
C MET D 110 8.27 14.83 -32.50
N ALA D 111 7.32 15.17 -33.37
CA ALA D 111 7.16 16.54 -33.85
C ALA D 111 6.74 17.52 -32.74
N SER D 112 6.28 16.99 -31.62
CA SER D 112 5.87 17.85 -30.51
C SER D 112 7.10 18.21 -29.69
N GLY D 113 8.22 17.57 -29.98
CA GLY D 113 9.45 17.83 -29.25
C GLY D 113 9.72 16.84 -28.13
N PHE D 114 8.95 15.76 -28.09
CA PHE D 114 9.09 14.72 -27.07
C PHE D 114 10.52 14.19 -27.03
N ASP D 115 11.05 13.95 -25.84
CA ASP D 115 12.41 13.43 -25.71
C ASP D 115 12.48 12.46 -24.54
N GLY D 116 11.37 11.77 -24.26
CA GLY D 116 11.35 10.84 -23.14
C GLY D 116 11.55 9.38 -23.52
N ILE D 117 10.70 8.53 -22.95
CA ILE D 117 10.75 7.10 -23.20
C ILE D 117 9.42 6.62 -23.76
N PHE D 118 9.50 5.70 -24.72
CA PHE D 118 8.33 5.09 -25.34
C PHE D 118 8.09 3.73 -24.70
N VAL D 119 6.84 3.39 -24.44
CA VAL D 119 6.46 2.08 -23.92
C VAL D 119 5.37 1.65 -24.90
N VAL D 120 5.63 0.56 -25.63
CA VAL D 120 4.68 0.06 -26.62
C VAL D 120 3.87 -1.09 -26.07
N ALA D 121 2.56 -0.93 -26.05
CA ALA D 121 1.65 -1.97 -25.56
C ALA D 121 0.78 -2.51 -26.69
N SER D 122 0.87 -1.89 -27.87
CA SER D 122 0.12 -2.33 -29.04
C SER D 122 0.69 -3.63 -29.58
N ASN D 123 -0.10 -4.35 -30.37
CA ASN D 123 0.35 -5.61 -30.96
C ASN D 123 0.34 -5.58 -32.49
N PRO D 124 1.25 -6.36 -33.13
CA PRO D 124 2.24 -7.24 -32.49
C PRO D 124 3.36 -6.41 -31.85
N VAL D 125 3.38 -6.44 -30.53
CA VAL D 125 4.32 -5.69 -29.73
C VAL D 125 5.78 -5.62 -30.16
N ASP D 126 6.44 -6.77 -30.33
CA ASP D 126 7.83 -6.76 -30.74
C ASP D 126 8.07 -5.98 -32.03
N ILE D 127 7.18 -6.16 -33.00
CA ILE D 127 7.30 -5.50 -34.29
C ILE D 127 7.11 -4.01 -34.14
N LEU D 128 6.05 -3.64 -33.43
CA LEU D 128 5.75 -2.23 -33.24
C LEU D 128 6.81 -1.51 -32.42
N THR D 129 7.55 -2.25 -31.61
CA THR D 129 8.59 -1.63 -30.79
C THR D 129 9.77 -1.32 -31.73
N TYR D 130 10.04 -2.26 -32.64
CA TYR D 130 11.13 -2.08 -33.59
C TYR D 130 10.85 -0.88 -34.48
N LEU D 131 9.62 -0.78 -34.98
CA LEU D 131 9.24 0.33 -35.83
C LEU D 131 9.24 1.66 -35.08
N THR D 132 8.83 1.63 -33.81
CA THR D 132 8.81 2.85 -33.01
C THR D 132 10.25 3.35 -32.86
N TRP D 133 11.17 2.42 -32.70
CA TRP D 133 12.59 2.72 -32.56
C TRP D 133 13.10 3.37 -33.87
N GLN D 134 12.75 2.78 -35.01
CA GLN D 134 13.17 3.31 -36.31
C GLN D 134 12.58 4.68 -36.60
N GLU D 135 11.28 4.83 -36.36
CA GLU D 135 10.62 6.10 -36.63
C GLU D 135 11.02 7.24 -35.71
N SER D 136 11.22 6.94 -34.43
CA SER D 136 11.57 7.96 -33.44
C SER D 136 13.03 8.43 -33.50
N GLY D 137 13.93 7.52 -33.84
CA GLY D 137 15.34 7.86 -33.90
C GLY D 137 15.93 7.89 -32.50
N LEU D 138 15.18 7.43 -31.51
CA LEU D 138 15.67 7.40 -30.14
C LEU D 138 16.54 6.18 -29.90
N PRO D 139 17.34 6.18 -28.82
CA PRO D 139 18.20 5.04 -28.49
C PRO D 139 17.32 3.83 -28.22
N ALA D 140 17.75 2.65 -28.63
CA ALA D 140 16.97 1.43 -28.42
C ALA D 140 16.57 1.20 -26.95
N SER D 141 17.40 1.65 -26.02
CA SER D 141 17.11 1.48 -24.61
C SER D 141 15.96 2.37 -24.13
N ARG D 142 15.48 3.24 -25.00
CA ARG D 142 14.42 4.14 -24.62
C ARG D 142 13.11 3.87 -25.34
N VAL D 143 13.03 2.72 -25.99
CA VAL D 143 11.82 2.28 -26.66
C VAL D 143 11.56 0.91 -26.04
N VAL D 144 10.55 0.81 -25.18
CA VAL D 144 10.28 -0.43 -24.46
C VAL D 144 8.94 -1.08 -24.69
N GLY D 145 8.99 -2.29 -25.24
CA GLY D 145 7.76 -3.02 -25.50
C GLY D 145 7.36 -3.85 -24.30
N THR D 146 6.06 -4.11 -24.15
CA THR D 146 5.58 -4.89 -23.03
C THR D 146 6.04 -6.35 -23.08
N GLY D 147 6.47 -6.79 -24.25
CA GLY D 147 6.97 -8.14 -24.42
C GLY D 147 6.16 -9.30 -23.84
N THR D 148 6.82 -10.13 -23.03
CA THR D 148 6.19 -11.30 -22.42
C THR D 148 5.95 -11.14 -20.93
N THR D 149 5.80 -9.88 -20.52
CA THR D 149 5.57 -9.55 -19.13
C THR D 149 4.31 -10.18 -18.58
N LEU D 150 3.21 -10.01 -19.30
CA LEU D 150 1.90 -10.55 -18.90
C LEU D 150 1.91 -12.09 -18.86
N ASP D 151 2.45 -12.69 -19.90
CA ASP D 151 2.52 -14.14 -20.00
C ASP D 151 3.40 -14.72 -18.90
N THR D 152 4.47 -14.01 -18.56
CA THR D 152 5.37 -14.46 -17.52
C THR D 152 4.66 -14.42 -16.16
N THR D 153 3.87 -13.37 -15.92
CA THR D 153 3.12 -13.25 -14.68
C THR D 153 2.14 -14.42 -14.55
N ARG D 154 1.51 -14.76 -15.67
CA ARG D 154 0.55 -15.86 -15.75
C ARG D 154 1.31 -17.17 -15.55
N PHE D 155 2.47 -17.26 -16.17
CA PHE D 155 3.34 -18.42 -16.09
C PHE D 155 3.63 -18.76 -14.63
N ARG D 156 4.04 -17.76 -13.86
CA ARG D 156 4.37 -17.93 -12.45
C ARG D 156 3.15 -18.22 -11.59
N LYS D 157 2.02 -17.63 -11.96
CA LYS D 157 0.80 -17.82 -11.21
C LYS D 157 0.31 -19.26 -11.33
N GLU D 158 0.37 -19.80 -12.54
CA GLU D 158 -0.06 -21.16 -12.79
C GLU D 158 0.86 -22.10 -12.06
N ILE D 159 2.16 -21.86 -12.15
CA ILE D 159 3.12 -22.72 -11.46
C ILE D 159 2.82 -22.67 -9.97
N ALA D 160 2.53 -21.48 -9.47
CA ALA D 160 2.23 -21.30 -8.06
C ALA D 160 1.01 -22.11 -7.65
N LEU D 161 -0.08 -21.97 -8.39
CA LEU D 161 -1.31 -22.70 -8.09
C LEU D 161 -1.08 -24.20 -8.06
N LYS D 162 -0.36 -24.71 -9.05
CA LYS D 162 -0.07 -26.14 -9.13
C LYS D 162 0.69 -26.65 -7.90
N LEU D 163 1.74 -25.92 -7.49
CA LEU D 163 2.54 -26.33 -6.35
C LEU D 163 2.04 -25.75 -5.03
N ALA D 164 0.88 -25.12 -5.07
CA ALA D 164 0.28 -24.51 -3.89
C ALA D 164 1.26 -23.63 -3.09
N VAL D 165 1.87 -22.68 -3.77
CA VAL D 165 2.81 -21.76 -3.13
C VAL D 165 2.51 -20.34 -3.57
N ASP D 166 3.09 -19.38 -2.87
CA ASP D 166 2.91 -17.98 -3.18
C ASP D 166 3.68 -17.63 -4.47
N PRO D 167 3.02 -16.93 -5.40
CA PRO D 167 3.63 -16.53 -6.67
C PRO D 167 4.96 -15.78 -6.50
N ARG D 168 5.08 -15.01 -5.43
CA ARG D 168 6.31 -14.26 -5.20
C ARG D 168 7.52 -15.18 -5.00
N SER D 169 7.27 -16.45 -4.69
CA SER D 169 8.38 -17.37 -4.49
C SER D 169 8.82 -18.05 -5.79
N VAL D 170 8.04 -17.84 -6.86
CA VAL D 170 8.35 -18.43 -8.16
C VAL D 170 9.06 -17.43 -9.07
N HIS D 171 10.18 -17.85 -9.66
CA HIS D 171 10.95 -17.00 -10.57
C HIS D 171 11.23 -17.76 -11.85
N GLY D 172 10.87 -17.16 -12.98
CA GLY D 172 11.09 -17.78 -14.27
C GLY D 172 10.59 -16.83 -15.32
N TYR D 173 10.88 -17.12 -16.59
CA TYR D 173 10.44 -16.25 -17.66
C TYR D 173 9.98 -16.97 -18.92
N ILE D 174 9.06 -16.32 -19.63
CA ILE D 174 8.58 -16.78 -20.93
C ILE D 174 9.45 -15.90 -21.83
N LEU D 175 10.15 -16.48 -22.79
CA LEU D 175 11.03 -15.68 -23.66
C LEU D 175 10.53 -15.56 -25.09
N GLY D 176 10.98 -14.52 -25.79
CA GLY D 176 10.62 -14.33 -27.19
C GLY D 176 9.39 -13.49 -27.52
N GLU D 177 8.71 -13.85 -28.60
CA GLU D 177 7.50 -13.14 -29.00
C GLU D 177 6.33 -13.83 -28.31
N HIS D 178 5.58 -13.09 -27.52
CA HIS D 178 4.48 -13.71 -26.80
C HIS D 178 3.45 -14.20 -27.81
N GLY D 179 3.10 -15.48 -27.67
CA GLY D 179 2.15 -16.10 -28.57
C GLY D 179 2.47 -17.57 -28.68
N ASP D 180 2.00 -18.21 -29.75
CA ASP D 180 2.24 -19.63 -29.91
C ASP D 180 3.70 -20.05 -30.00
N SER D 181 4.57 -19.14 -30.42
CA SER D 181 5.98 -19.49 -30.54
C SER D 181 6.81 -19.11 -29.31
N GLU D 182 6.18 -18.63 -28.25
CA GLU D 182 6.92 -18.24 -27.04
C GLU D 182 7.61 -19.43 -26.37
N VAL D 183 8.65 -19.13 -25.61
CA VAL D 183 9.41 -20.18 -24.95
C VAL D 183 9.40 -20.12 -23.44
N ALA D 184 8.92 -21.18 -22.80
CA ALA D 184 8.91 -21.25 -21.35
C ALA D 184 10.30 -21.74 -20.93
N ALA D 185 11.10 -20.86 -20.36
CA ALA D 185 12.46 -21.20 -19.94
C ALA D 185 12.49 -22.03 -18.66
N TRP D 186 11.99 -23.26 -18.74
CA TRP D 186 11.96 -24.15 -17.58
C TRP D 186 13.32 -24.34 -16.90
N SER D 187 14.39 -24.31 -17.69
CA SER D 187 15.74 -24.47 -17.17
C SER D 187 16.12 -23.38 -16.17
N HIS D 188 15.36 -22.29 -16.16
CA HIS D 188 15.66 -21.20 -15.24
C HIS D 188 14.46 -20.71 -14.47
N THR D 189 13.65 -21.67 -14.05
CA THR D 189 12.46 -21.41 -13.30
C THR D 189 12.67 -22.14 -11.99
N THR D 190 12.44 -21.42 -10.89
CA THR D 190 12.61 -21.97 -9.56
C THR D 190 11.44 -21.66 -8.69
N VAL D 191 11.28 -22.49 -7.65
CA VAL D 191 10.24 -22.33 -6.67
C VAL D 191 10.96 -22.37 -5.33
N GLY D 192 10.98 -21.22 -4.65
CA GLY D 192 11.65 -21.14 -3.37
C GLY D 192 13.11 -21.50 -3.50
N GLY D 193 13.66 -21.29 -4.69
CA GLY D 193 15.06 -21.58 -4.93
C GLY D 193 15.26 -22.93 -5.59
N LYS D 194 14.22 -23.76 -5.61
CA LYS D 194 14.34 -25.08 -6.19
C LYS D 194 13.96 -25.15 -7.67
N PRO D 195 14.90 -25.57 -8.53
CA PRO D 195 14.67 -25.68 -9.97
C PRO D 195 13.43 -26.51 -10.24
N ILE D 196 12.53 -25.98 -11.05
CA ILE D 196 11.29 -26.67 -11.37
C ILE D 196 11.54 -28.07 -11.94
N MET D 197 12.65 -28.24 -12.65
CA MET D 197 12.98 -29.53 -13.25
C MET D 197 13.29 -30.63 -12.23
N GLU D 198 13.78 -30.26 -11.05
CA GLU D 198 14.07 -31.25 -10.03
C GLU D 198 12.75 -31.88 -9.61
N TYR D 199 11.70 -31.07 -9.59
CA TYR D 199 10.37 -31.53 -9.22
C TYR D 199 9.92 -32.69 -10.10
N VAL D 200 10.57 -32.85 -11.25
CA VAL D 200 10.21 -33.92 -12.16
C VAL D 200 11.34 -34.93 -12.39
N GLU D 201 12.57 -34.44 -12.44
CA GLU D 201 13.74 -35.29 -12.66
C GLU D 201 14.41 -35.73 -11.36
N LYS D 202 13.62 -36.01 -10.34
CA LYS D 202 14.15 -36.45 -9.05
C LYS D 202 13.01 -36.75 -8.08
N ASP D 203 12.39 -35.71 -7.56
CA ASP D 203 11.29 -35.85 -6.61
C ASP D 203 10.09 -36.52 -7.27
N HIS D 204 10.08 -36.50 -8.59
CA HIS D 204 8.99 -37.10 -9.36
C HIS D 204 7.59 -36.70 -8.88
N ARG D 205 7.37 -35.40 -8.71
CA ARG D 205 6.07 -34.90 -8.29
C ARG D 205 5.33 -34.34 -9.51
N LEU D 206 6.07 -34.11 -10.58
CA LEU D 206 5.53 -33.59 -11.83
C LEU D 206 6.14 -34.32 -13.02
N GLU D 207 5.36 -34.47 -14.09
CA GLU D 207 5.85 -35.13 -15.29
C GLU D 207 6.08 -34.11 -16.40
N GLU D 208 6.64 -34.56 -17.52
CA GLU D 208 6.89 -33.67 -18.63
C GLU D 208 5.58 -33.04 -19.10
N ASN D 209 4.51 -33.84 -19.05
CA ASN D 209 3.20 -33.38 -19.48
C ASN D 209 2.62 -32.28 -18.59
N ASP D 210 3.07 -32.21 -17.34
CA ASP D 210 2.57 -31.18 -16.45
C ASP D 210 3.07 -29.81 -16.91
N LEU D 211 4.29 -29.78 -17.47
CA LEU D 211 4.90 -28.55 -17.96
C LEU D 211 4.17 -28.10 -19.23
N THR D 212 3.94 -29.05 -20.13
CA THR D 212 3.27 -28.78 -21.38
C THR D 212 1.88 -28.21 -21.15
N VAL D 213 1.13 -28.82 -20.24
CA VAL D 213 -0.21 -28.34 -19.95
C VAL D 213 -0.13 -26.90 -19.44
N LEU D 214 0.87 -26.64 -18.61
CA LEU D 214 1.10 -25.32 -18.03
C LEU D 214 1.43 -24.30 -19.13
N ALA D 215 2.45 -24.61 -19.94
CA ALA D 215 2.87 -23.71 -21.01
C ALA D 215 1.74 -23.38 -21.98
N ASP D 216 0.91 -24.38 -22.30
CA ASP D 216 -0.19 -24.13 -23.22
C ASP D 216 -1.23 -23.22 -22.60
N LYS D 217 -1.51 -23.41 -21.31
CA LYS D 217 -2.46 -22.56 -20.63
C LYS D 217 -2.04 -21.10 -20.81
N VAL D 218 -0.74 -20.86 -20.78
CA VAL D 218 -0.23 -19.50 -20.94
C VAL D 218 -0.36 -19.04 -22.38
N LYS D 219 0.02 -19.90 -23.32
CA LYS D 219 -0.07 -19.54 -24.73
C LYS D 219 -1.50 -19.38 -25.24
N ASN D 220 -2.41 -20.21 -24.75
CA ASN D 220 -3.80 -20.14 -25.20
C ASN D 220 -4.56 -19.02 -24.50
N ALA D 221 -3.93 -17.87 -24.36
CA ALA D 221 -4.54 -16.73 -23.71
C ALA D 221 -3.71 -15.48 -23.98
N ALA D 222 -2.64 -15.65 -24.75
CA ALA D 222 -1.73 -14.55 -25.07
C ALA D 222 -2.42 -13.42 -25.83
N TYR D 223 -3.64 -13.66 -26.29
CA TYR D 223 -4.37 -12.62 -27.04
C TYR D 223 -5.80 -12.44 -26.57
N GLU D 224 -6.20 -13.21 -25.55
CA GLU D 224 -7.56 -13.13 -25.02
C GLU D 224 -7.91 -11.68 -24.64
N ILE D 225 -9.15 -11.29 -24.93
CA ILE D 225 -9.62 -9.95 -24.60
C ILE D 225 -10.07 -9.92 -23.14
N ILE D 226 -9.39 -9.11 -22.34
CA ILE D 226 -9.70 -9.00 -20.91
C ILE D 226 -11.04 -8.34 -20.63
N ASP D 227 -11.74 -8.85 -19.62
CA ASP D 227 -13.03 -8.28 -19.25
C ASP D 227 -12.84 -6.88 -18.66
N ARG D 228 -13.74 -5.97 -19.01
CA ARG D 228 -13.68 -4.59 -18.54
C ARG D 228 -13.77 -4.48 -17.03
N LYS D 229 -14.48 -5.40 -16.40
CA LYS D 229 -14.64 -5.40 -14.95
C LYS D 229 -13.39 -5.90 -14.25
N LYS D 230 -12.42 -6.36 -15.03
CA LYS D 230 -11.17 -6.87 -14.49
C LYS D 230 -9.97 -6.10 -15.06
N ALA D 231 -10.23 -5.33 -16.12
CA ALA D 231 -9.19 -4.55 -16.80
C ALA D 231 -8.34 -3.68 -15.88
N THR D 232 -8.92 -3.25 -14.76
CA THR D 232 -8.18 -2.40 -13.82
C THR D 232 -7.20 -3.19 -12.94
N TYR D 233 -7.50 -4.47 -12.73
CA TYR D 233 -6.68 -5.32 -11.86
C TYR D 233 -5.82 -6.36 -12.57
N TYR D 234 -6.12 -6.66 -13.83
CA TYR D 234 -5.36 -7.68 -14.54
C TYR D 234 -5.30 -7.44 -16.05
N GLY D 235 -4.27 -7.99 -16.70
CA GLY D 235 -4.13 -7.85 -18.13
C GLY D 235 -3.09 -6.85 -18.61
N ILE D 236 -3.17 -6.51 -19.89
CA ILE D 236 -2.23 -5.58 -20.50
C ILE D 236 -2.08 -4.31 -19.65
N GLY D 237 -3.20 -3.84 -19.09
CA GLY D 237 -3.20 -2.65 -18.26
C GLY D 237 -2.24 -2.73 -17.07
N MET D 238 -2.29 -3.84 -16.33
CA MET D 238 -1.42 -4.05 -15.19
C MET D 238 0.04 -4.19 -15.62
N SER D 239 0.27 -5.01 -16.64
CA SER D 239 1.61 -5.25 -17.14
C SER D 239 2.30 -3.97 -17.60
N THR D 240 1.56 -3.14 -18.32
CA THR D 240 2.11 -1.90 -18.82
C THR D 240 2.44 -0.97 -17.67
N THR D 241 1.56 -0.95 -16.66
CA THR D 241 1.75 -0.12 -15.48
C THR D 241 2.95 -0.60 -14.66
N ARG D 242 3.16 -1.90 -14.65
CA ARG D 242 4.29 -2.47 -13.92
C ARG D 242 5.59 -1.90 -14.50
N ILE D 243 5.69 -1.91 -15.82
CA ILE D 243 6.87 -1.41 -16.52
C ILE D 243 7.04 0.09 -16.35
N VAL D 244 5.93 0.84 -16.47
CA VAL D 244 5.98 2.29 -16.31
C VAL D 244 6.44 2.61 -14.90
N LYS D 245 5.97 1.81 -13.95
CA LYS D 245 6.32 1.99 -12.55
C LYS D 245 7.83 1.75 -12.35
N ALA D 246 8.33 0.64 -12.88
CA ALA D 246 9.75 0.32 -12.76
C ALA D 246 10.61 1.45 -13.33
N ILE D 247 10.13 2.07 -14.39
CA ILE D 247 10.85 3.16 -15.03
C ILE D 247 10.81 4.45 -14.23
N LEU D 248 9.60 4.93 -13.93
CA LEU D 248 9.45 6.16 -13.18
C LEU D 248 10.08 6.14 -11.79
N ASN D 249 10.15 4.96 -11.16
CA ASN D 249 10.74 4.84 -9.82
C ASN D 249 12.19 4.37 -9.83
N ASN D 250 12.79 4.29 -11.02
CA ASN D 250 14.17 3.84 -11.15
C ASN D 250 14.38 2.60 -10.29
N GLU D 251 13.46 1.66 -10.45
CA GLU D 251 13.38 0.42 -9.71
C GLU D 251 14.47 -0.63 -9.96
N GLN D 252 14.99 -0.69 -11.18
CA GLN D 252 16.00 -1.67 -11.52
C GLN D 252 15.37 -3.07 -11.43
N ALA D 253 14.09 -3.15 -11.78
CA ALA D 253 13.37 -4.42 -11.76
C ALA D 253 13.81 -5.28 -12.94
N VAL D 254 13.65 -6.60 -12.81
CA VAL D 254 14.00 -7.50 -13.89
C VAL D 254 12.66 -7.85 -14.54
N LEU D 255 12.44 -7.34 -15.75
CA LEU D 255 11.20 -7.57 -16.47
C LEU D 255 11.45 -8.08 -17.89
N PRO D 256 10.65 -9.07 -18.32
CA PRO D 256 10.84 -9.61 -19.68
C PRO D 256 10.23 -8.73 -20.76
N VAL D 257 10.62 -7.45 -20.75
CA VAL D 257 10.11 -6.51 -21.76
C VAL D 257 10.72 -6.80 -23.14
N SER D 258 10.18 -6.16 -24.18
CA SER D 258 10.71 -6.31 -25.54
C SER D 258 11.98 -5.45 -25.54
N ALA D 259 13.14 -6.08 -25.46
CA ALA D 259 14.39 -5.35 -25.44
C ALA D 259 15.17 -5.59 -26.72
N TYR D 260 16.04 -4.65 -27.06
CA TYR D 260 16.86 -4.75 -28.27
C TYR D 260 18.06 -5.65 -28.01
N LEU D 261 18.18 -6.75 -28.73
CA LEU D 261 19.31 -7.62 -28.50
C LEU D 261 20.49 -7.29 -29.40
N ASN D 262 21.69 -7.59 -28.91
CA ASN D 262 22.91 -7.37 -29.63
C ASN D 262 23.87 -8.52 -29.37
N GLY D 263 23.34 -9.73 -29.42
CA GLY D 263 24.19 -10.89 -29.18
C GLY D 263 23.64 -11.88 -28.18
N GLU D 264 23.02 -11.39 -27.12
CA GLU D 264 22.48 -12.31 -26.11
C GLU D 264 21.48 -13.27 -26.73
N TYR D 265 21.44 -14.48 -26.18
CA TYR D 265 20.56 -15.53 -26.66
C TYR D 265 20.89 -15.96 -28.08
N GLY D 266 22.04 -15.52 -28.58
CA GLY D 266 22.43 -15.88 -29.92
C GLY D 266 21.76 -15.10 -31.03
N GLU D 267 21.08 -14.01 -30.68
CA GLU D 267 20.39 -13.22 -31.71
C GLU D 267 20.73 -11.73 -31.68
N GLU D 268 20.50 -11.04 -32.80
CA GLU D 268 20.78 -9.62 -32.87
C GLU D 268 19.83 -8.84 -33.77
N ASP D 269 19.75 -7.54 -33.51
CA ASP D 269 18.92 -6.59 -34.25
C ASP D 269 17.42 -6.86 -34.28
N ILE D 270 16.84 -7.03 -33.10
CA ILE D 270 15.40 -7.23 -32.94
C ILE D 270 15.04 -6.99 -31.51
N PHE D 271 13.76 -6.71 -31.29
CA PHE D 271 13.24 -6.51 -29.95
C PHE D 271 12.40 -7.74 -29.72
N THR D 272 12.58 -8.35 -28.56
CA THR D 272 11.77 -9.49 -28.22
C THR D 272 11.88 -9.71 -26.73
N GLY D 273 10.96 -10.51 -26.19
CA GLY D 273 10.92 -10.78 -24.76
C GLY D 273 12.12 -11.46 -24.14
N VAL D 274 12.81 -10.75 -23.25
CA VAL D 274 13.96 -11.28 -22.53
C VAL D 274 14.09 -10.56 -21.18
N PRO D 275 14.53 -11.27 -20.14
CA PRO D 275 14.64 -10.59 -18.84
C PRO D 275 15.62 -9.41 -18.94
N SER D 276 15.14 -8.21 -18.59
CA SER D 276 15.94 -6.99 -18.68
C SER D 276 15.81 -6.13 -17.43
N ILE D 277 16.88 -5.45 -17.06
CA ILE D 277 16.83 -4.58 -15.89
C ILE D 277 16.27 -3.27 -16.38
N VAL D 278 15.13 -2.87 -15.81
CA VAL D 278 14.46 -1.64 -16.19
C VAL D 278 14.58 -0.56 -15.12
N ASP D 279 15.09 0.60 -15.51
CA ASP D 279 15.24 1.74 -14.60
C ASP D 279 14.77 3.04 -15.24
N GLU D 280 15.08 4.17 -14.62
CA GLU D 280 14.64 5.48 -15.11
C GLU D 280 15.12 5.88 -16.52
N ASN D 281 16.11 5.17 -17.06
CA ASN D 281 16.60 5.46 -18.40
C ASN D 281 16.11 4.38 -19.39
N GLY D 282 15.19 3.54 -18.92
CA GLY D 282 14.66 2.46 -19.75
C GLY D 282 15.34 1.15 -19.45
N VAL D 283 15.72 0.43 -20.49
CA VAL D 283 16.41 -0.85 -20.35
C VAL D 283 17.89 -0.60 -20.22
N ARG D 284 18.44 -0.88 -19.03
CA ARG D 284 19.86 -0.66 -18.78
C ARG D 284 20.70 -1.77 -19.40
N GLU D 285 20.19 -3.00 -19.33
CA GLU D 285 20.89 -4.15 -19.88
C GLU D 285 20.02 -5.40 -19.83
N ILE D 286 20.41 -6.39 -20.63
CA ILE D 286 19.70 -7.65 -20.75
C ILE D 286 20.40 -8.78 -20.00
N ILE D 287 19.62 -9.57 -19.25
CA ILE D 287 20.20 -10.70 -18.54
C ILE D 287 20.18 -11.86 -19.52
N ASP D 288 21.37 -12.36 -19.86
CA ASP D 288 21.50 -13.45 -20.83
C ASP D 288 21.57 -14.80 -20.12
N LEU D 289 20.41 -15.44 -19.99
CA LEU D 289 20.34 -16.74 -19.32
C LEU D 289 20.95 -17.85 -20.17
N SER D 290 21.62 -18.78 -19.51
CA SER D 290 22.22 -19.92 -20.20
C SER D 290 21.16 -21.00 -20.37
N ILE D 291 20.18 -20.75 -21.22
CA ILE D 291 19.12 -21.70 -21.47
C ILE D 291 19.68 -22.95 -22.18
N THR D 292 18.88 -24.01 -22.22
CA THR D 292 19.33 -25.25 -22.86
C THR D 292 19.27 -25.16 -24.37
N PRO D 293 20.12 -25.94 -25.06
CA PRO D 293 20.14 -25.94 -26.53
C PRO D 293 18.74 -26.05 -27.10
N GLN D 294 17.92 -26.87 -26.44
CA GLN D 294 16.55 -27.10 -26.86
C GLN D 294 15.72 -25.83 -26.76
N GLU D 295 15.85 -25.14 -25.62
CA GLU D 295 15.11 -23.90 -25.41
C GLU D 295 15.62 -22.82 -26.37
N LYS D 296 16.94 -22.74 -26.50
CA LYS D 296 17.58 -21.77 -27.37
C LYS D 296 17.14 -21.98 -28.81
N ALA D 297 16.95 -23.24 -29.18
CA ALA D 297 16.53 -23.57 -30.55
C ALA D 297 15.11 -23.05 -30.74
N MET D 298 14.26 -23.28 -29.75
CA MET D 298 12.88 -22.81 -29.80
C MET D 298 12.87 -21.29 -29.85
N PHE D 299 13.86 -20.67 -29.23
CA PHE D 299 14.00 -19.22 -29.18
C PHE D 299 14.43 -18.67 -30.55
N HIS D 300 15.37 -19.37 -31.17
CA HIS D 300 15.87 -18.99 -32.49
C HIS D 300 14.72 -19.01 -33.49
N GLN D 301 13.85 -20.02 -33.37
CA GLN D 301 12.70 -20.13 -34.26
C GLN D 301 11.73 -18.97 -34.06
N SER D 302 11.47 -18.62 -32.81
CA SER D 302 10.56 -17.51 -32.51
C SER D 302 11.07 -16.24 -33.16
N VAL D 303 12.37 -15.99 -33.02
CA VAL D 303 13.00 -14.82 -33.60
C VAL D 303 12.97 -14.83 -35.13
N SER D 304 13.15 -16.01 -35.73
CA SER D 304 13.11 -16.12 -37.18
C SER D 304 11.72 -15.72 -37.67
N GLU D 305 10.69 -16.21 -36.99
CA GLU D 305 9.32 -15.91 -37.34
C GLU D 305 9.12 -14.41 -37.27
N LEU D 306 9.72 -13.80 -36.25
CA LEU D 306 9.62 -12.37 -36.01
C LEU D 306 10.27 -11.54 -37.11
N LYS D 307 11.50 -11.88 -37.45
CA LYS D 307 12.22 -11.15 -38.50
C LYS D 307 11.55 -11.28 -39.85
N ALA D 308 10.98 -12.46 -40.14
CA ALA D 308 10.31 -12.66 -41.42
C ALA D 308 9.16 -11.67 -41.55
N VAL D 309 8.35 -11.56 -40.50
CA VAL D 309 7.23 -10.64 -40.52
C VAL D 309 7.71 -9.19 -40.44
N LEU D 310 8.71 -8.95 -39.61
CA LEU D 310 9.27 -7.61 -39.46
C LEU D 310 9.72 -7.07 -40.83
N ASP D 311 10.34 -7.94 -41.63
CA ASP D 311 10.83 -7.54 -42.94
C ASP D 311 9.76 -6.97 -43.87
N THR D 312 8.49 -7.28 -43.61
CA THR D 312 7.42 -6.78 -44.49
C THR D 312 7.00 -5.36 -44.16
N VAL D 313 7.43 -4.83 -43.01
CA VAL D 313 7.04 -3.49 -42.60
C VAL D 313 8.17 -2.60 -42.12
N ARG D 314 9.38 -3.15 -41.98
CA ARG D 314 10.50 -2.35 -41.50
C ARG D 314 10.90 -1.22 -42.45
N LEU D 315 11.28 -0.09 -41.87
CA LEU D 315 11.68 1.08 -42.66
C LEU D 315 13.10 0.91 -43.18
N GLU D 316 13.40 1.51 -44.34
CA GLU D 316 14.73 1.42 -44.91
C GLU D 316 15.55 2.63 -44.49
N HIS D 317 14.84 3.68 -44.08
CA HIS D 317 15.49 4.91 -43.64
C HIS D 317 15.09 5.25 -42.21
N HIS D 318 16.03 5.07 -41.28
CA HIS D 318 15.77 5.37 -39.88
C HIS D 318 15.80 6.90 -39.66
N HIS D 319 15.16 7.35 -38.60
CA HIS D 319 15.09 8.77 -38.26
C HIS D 319 16.30 9.21 -37.41
C1 GOL E . 28.86 -17.26 35.28
O1 GOL E . 28.60 -17.52 33.90
C2 GOL E . 27.66 -17.72 36.11
O2 GOL E . 27.01 -16.58 36.67
C3 GOL E . 28.13 -18.64 37.23
O3 GOL E . 27.28 -19.79 37.30
C1 GOL F . 23.54 -8.69 -15.89
O1 GOL F . 24.17 -9.94 -16.17
C2 GOL F . 23.68 -8.34 -14.40
O2 GOL F . 22.75 -9.11 -13.65
C3 GOL F . 23.37 -6.86 -14.18
O3 GOL F . 24.02 -6.40 -13.00
C1 GOL G . -2.42 15.31 8.28
O1 GOL G . -3.50 14.75 7.53
C2 GOL G . -2.98 16.12 9.44
O2 GOL G . -2.08 17.20 9.74
C3 GOL G . -3.12 15.24 10.69
O3 GOL G . -3.87 14.04 10.41
C1 GOL H . 2.17 32.66 1.26
O1 GOL H . 3.13 31.77 1.85
C2 GOL H . 0.99 31.85 0.72
O2 GOL H . 1.43 31.07 -0.40
C3 GOL H . -0.14 32.78 0.31
O3 GOL H . -1.39 32.36 0.88
C1 GOL I . -18.21 23.57 10.13
O1 GOL I . -17.72 23.37 11.46
C2 GOL I . -19.69 23.17 10.06
O2 GOL I . -19.88 22.31 8.94
C3 GOL I . -20.55 24.42 9.90
O3 GOL I . -21.93 24.03 9.78
C1 GOL J . -45.49 -4.46 -17.45
O1 GOL J . -44.40 -3.65 -17.03
C2 GOL J . -45.16 -5.93 -17.13
O2 GOL J . -44.48 -6.52 -18.23
C3 GOL J . -46.46 -6.70 -16.84
O3 GOL J . -46.21 -7.75 -15.92
C1 GOL K . -46.51 11.80 1.86
O1 GOL K . -47.48 10.77 2.10
C2 GOL K . -46.00 12.34 3.19
O2 GOL K . -45.44 13.66 3.00
C3 GOL K . -44.93 11.41 3.76
O3 GOL K . -44.51 11.86 5.06
C1 GOL L . 7.49 -10.18 -14.21
O1 GOL L . 6.76 -10.42 -15.40
C2 GOL L . 6.52 -10.09 -13.03
O2 GOL L . 7.17 -9.40 -11.94
C3 GOL L . 6.12 -11.50 -12.58
O3 GOL L . 4.76 -11.53 -12.20
#